data_8T55
#
_entry.id   8T55
#
_cell.length_a   76.696
_cell.length_b   121.618
_cell.length_c   132.027
_cell.angle_alpha   90.00
_cell.angle_beta   90.00
_cell.angle_gamma   90.00
#
_symmetry.space_group_name_H-M   'P 21 21 21'
#
loop_
_entity.id
_entity.type
_entity.pdbx_description
1 polymer 'WD repeat-containing protein 91'
2 non-polymer N-[3-(4-chlorophenyl)oxetan-3-yl]-1-propanoyl-1,2,3,4-tetrahydroquinoline-5-carboxamide
3 non-polymer 1,2-ETHANEDIOL
4 water water
#
_entity_poly.entity_id   1
_entity_poly.type   'polypeptide(L)'
_entity_poly.pdbx_seq_one_letter_code
;MHHHHHHSSGRENLYFQGPEQPFIVLGQEEYGEHHSSIMHCRVDCSGRRVASLDVDGVIKVWSFNPIMQTKASSISKSPL
LSLEWATKRDRLLLLGSGVGTVRLYDTEAKKNLCEININDNMPRILSLACSPNGASFVCSAAAPSLTSQVPGRLLLWDTK
TMKQQLQFSLDPEPIAINCTAFNHNGNLLVTGAADGVIRLFDMQQHECAMSWRAHYGEVYSVEFSYDENTVYSIGEDGKF
IQWNIHKSGLKVSEYSLPSDATGPFVLSGYSGYKQVQVPRGRLFAFDSEGNYMLTCSATGGVIYKLGGDEKVLESCLSLG
GHRAPVVTVDWSTAMDCGTCLTASMDGKIKLTTLLAHKA
;
_entity_poly.pdbx_strand_id   A,B,C
#
loop_
_chem_comp.id
_chem_comp.type
_chem_comp.name
_chem_comp.formula
EDO non-polymer 1,2-ETHANEDIOL 'C2 H6 O2'
ZI3 non-polymer N-[3-(4-chlorophenyl)oxetan-3-yl]-1-propanoyl-1,2,3,4-tetrahydroquinoline-5-carboxamide 'C22 H23 Cl N2 O3'
#
# COMPACT_ATOMS: atom_id res chain seq x y z
N GLN A 21 -28.06 22.48 -13.11
CA GLN A 21 -27.95 21.01 -12.80
C GLN A 21 -28.07 20.21 -14.10
N PRO A 22 -26.96 19.72 -14.68
CA PRO A 22 -27.01 19.02 -15.96
C PRO A 22 -27.99 17.85 -15.97
N PHE A 23 -28.12 17.16 -14.84
CA PHE A 23 -28.92 15.90 -14.70
C PHE A 23 -29.81 15.98 -13.47
N ILE A 24 -31.03 15.44 -13.60
CA ILE A 24 -31.92 15.04 -12.48
C ILE A 24 -31.68 13.56 -12.16
N VAL A 25 -31.48 13.24 -10.87
CA VAL A 25 -31.32 11.87 -10.33
C VAL A 25 -32.72 11.30 -10.03
N LEU A 26 -33.22 10.37 -10.85
CA LEU A 26 -34.58 9.78 -10.68
C LEU A 26 -34.56 8.70 -9.59
N GLY A 27 -33.46 7.95 -9.48
CA GLY A 27 -33.32 6.89 -8.46
C GLY A 27 -31.92 6.32 -8.40
N GLN A 28 -31.62 5.66 -7.28
CA GLN A 28 -30.44 4.76 -7.10
C GLN A 28 -30.94 3.43 -6.53
N GLU A 29 -30.67 2.33 -7.22
CA GLU A 29 -30.93 0.97 -6.71
C GLU A 29 -29.61 0.22 -6.60
N GLU A 30 -29.62 -0.89 -5.89
CA GLU A 30 -28.42 -1.71 -5.62
C GLU A 30 -28.67 -3.11 -6.16
N TYR A 31 -27.74 -3.64 -6.95
CA TYR A 31 -27.67 -5.08 -7.29
C TYR A 31 -26.59 -5.71 -6.39
N GLY A 32 -26.95 -6.71 -5.60
CA GLY A 32 -26.14 -7.24 -4.49
C GLY A 32 -25.89 -8.74 -4.58
N GLU A 33 -26.09 -9.34 -5.77
CA GLU A 33 -25.96 -10.81 -5.96
C GLU A 33 -24.49 -11.24 -5.97
N HIS A 34 -23.55 -10.36 -6.32
CA HIS A 34 -22.08 -10.64 -6.23
C HIS A 34 -21.64 -10.52 -4.77
N HIS A 35 -20.82 -11.47 -4.30
CA HIS A 35 -20.28 -11.50 -2.92
C HIS A 35 -18.77 -11.29 -2.94
N SER A 36 -18.21 -10.99 -4.12
CA SER A 36 -16.76 -10.71 -4.34
C SER A 36 -16.62 -9.44 -5.15
N SER A 37 -15.47 -8.79 -5.01
CA SER A 37 -15.13 -7.55 -5.72
C SER A 37 -15.43 -7.72 -7.22
N ILE A 38 -15.99 -6.69 -7.85
CA ILE A 38 -16.37 -6.68 -9.28
C ILE A 38 -15.14 -6.39 -10.13
N MET A 39 -15.01 -7.10 -11.26
CA MET A 39 -13.96 -6.88 -12.26
C MET A 39 -14.54 -6.02 -13.39
N HIS A 40 -15.73 -6.39 -13.87
CA HIS A 40 -16.41 -5.80 -15.06
C HIS A 40 -17.92 -5.75 -14.81
N CYS A 41 -18.57 -4.67 -15.23
CA CYS A 41 -20.03 -4.62 -15.45
C CYS A 41 -20.28 -3.75 -16.66
N ARG A 42 -20.90 -4.34 -17.68
CA ARG A 42 -21.19 -3.67 -18.97
C ARG A 42 -22.69 -3.83 -19.27
N VAL A 43 -23.32 -2.76 -19.72
CA VAL A 43 -24.70 -2.76 -20.23
C VAL A 43 -24.66 -3.26 -21.67
N ASP A 44 -25.62 -4.12 -22.06
CA ASP A 44 -25.72 -4.69 -23.43
C ASP A 44 -26.07 -3.55 -24.40
N CYS A 45 -26.12 -3.85 -25.70
CA CYS A 45 -26.27 -2.85 -26.79
C CYS A 45 -27.71 -2.32 -26.82
N SER A 46 -28.67 -3.05 -26.23
CA SER A 46 -30.11 -2.69 -26.16
C SER A 46 -30.36 -1.77 -24.95
N GLY A 47 -29.40 -1.66 -24.05
CA GLY A 47 -29.45 -0.77 -22.87
C GLY A 47 -30.35 -1.30 -21.78
N ARG A 48 -30.65 -2.60 -21.80
CA ARG A 48 -31.67 -3.19 -20.89
C ARG A 48 -31.13 -4.38 -20.08
N ARG A 49 -29.89 -4.83 -20.34
N ARG A 49 -29.90 -4.81 -20.29
CA ARG A 49 -29.27 -5.98 -19.63
CA ARG A 49 -29.32 -5.94 -19.53
C ARG A 49 -27.87 -5.58 -19.15
C ARG A 49 -27.87 -5.62 -19.16
N VAL A 50 -27.49 -6.02 -17.95
CA VAL A 50 -26.09 -5.93 -17.45
C VAL A 50 -25.47 -7.34 -17.43
N ALA A 51 -24.22 -7.43 -17.87
CA ALA A 51 -23.32 -8.56 -17.57
C ALA A 51 -22.26 -8.05 -16.61
N SER A 52 -22.15 -8.70 -15.46
CA SER A 52 -21.17 -8.34 -14.44
C SER A 52 -20.37 -9.59 -14.03
N LEU A 53 -19.08 -9.39 -13.77
CA LEU A 53 -18.11 -10.45 -13.44
C LEU A 53 -17.33 -10.03 -12.20
N ASP A 54 -17.23 -10.92 -11.23
CA ASP A 54 -16.50 -10.68 -9.97
C ASP A 54 -15.21 -11.51 -10.00
N VAL A 55 -14.34 -11.36 -8.99
CA VAL A 55 -12.94 -11.89 -9.00
C VAL A 55 -12.97 -13.39 -8.69
N ASP A 56 -14.09 -13.92 -8.19
CA ASP A 56 -14.32 -15.37 -7.97
C ASP A 56 -14.75 -16.06 -9.27
N GLY A 57 -14.84 -15.33 -10.38
CA GLY A 57 -15.26 -15.86 -11.70
C GLY A 57 -16.76 -16.12 -11.80
N VAL A 58 -17.59 -15.49 -10.96
CA VAL A 58 -19.08 -15.52 -11.07
C VAL A 58 -19.51 -14.51 -12.14
N ILE A 59 -20.18 -14.98 -13.19
CA ILE A 59 -20.92 -14.15 -14.19
C ILE A 59 -22.40 -14.04 -13.77
N LYS A 60 -22.93 -12.82 -13.77
CA LYS A 60 -24.38 -12.56 -13.64
C LYS A 60 -24.81 -11.73 -14.86
N VAL A 61 -25.87 -12.18 -15.52
CA VAL A 61 -26.66 -11.38 -16.49
C VAL A 61 -27.95 -11.01 -15.79
N TRP A 62 -28.26 -9.71 -15.75
CA TRP A 62 -29.45 -9.21 -15.03
C TRP A 62 -30.09 -8.05 -15.76
N SER A 63 -31.39 -7.92 -15.57
CA SER A 63 -32.22 -6.77 -15.98
C SER A 63 -32.32 -5.80 -14.81
N PHE A 64 -32.67 -4.54 -15.10
CA PHE A 64 -32.85 -3.51 -14.04
C PHE A 64 -34.11 -2.68 -14.29
N ASN A 65 -34.67 -2.72 -15.50
CA ASN A 65 -35.86 -1.92 -15.91
C ASN A 65 -36.94 -2.91 -16.34
N PRO A 66 -38.08 -3.03 -15.65
CA PRO A 66 -38.48 -2.09 -14.60
C PRO A 66 -38.03 -2.40 -13.16
N ILE A 67 -37.42 -3.56 -12.94
CA ILE A 67 -36.92 -4.00 -11.59
C ILE A 67 -35.62 -4.78 -11.79
N MET A 68 -34.84 -4.96 -10.74
CA MET A 68 -33.64 -5.82 -10.75
C MET A 68 -34.06 -7.29 -10.67
N GLN A 69 -33.56 -8.08 -11.60
CA GLN A 69 -33.96 -9.48 -11.83
C GLN A 69 -32.80 -10.20 -12.52
N THR A 70 -32.27 -11.24 -11.89
CA THR A 70 -31.18 -12.06 -12.46
C THR A 70 -31.77 -12.92 -13.58
N LYS A 71 -31.20 -12.89 -14.78
CA LYS A 71 -31.66 -13.69 -15.95
C LYS A 71 -30.78 -14.92 -16.12
N ALA A 72 -29.49 -14.82 -15.78
CA ALA A 72 -28.54 -15.94 -15.90
C ALA A 72 -27.42 -15.77 -14.87
N SER A 73 -26.95 -16.89 -14.34
CA SER A 73 -25.85 -16.99 -13.35
C SER A 73 -24.95 -18.17 -13.74
N SER A 74 -23.63 -18.05 -13.59
CA SER A 74 -22.70 -19.20 -13.71
C SER A 74 -21.34 -18.86 -13.09
N ILE A 75 -20.80 -19.80 -12.32
CA ILE A 75 -19.41 -19.77 -11.79
C ILE A 75 -18.51 -20.47 -12.80
N SER A 76 -17.47 -19.78 -13.27
CA SER A 76 -16.43 -20.35 -14.17
C SER A 76 -15.48 -21.20 -13.34
N LYS A 77 -15.17 -22.42 -13.80
CA LYS A 77 -14.10 -23.26 -13.23
C LYS A 77 -12.77 -22.56 -13.48
N SER A 78 -12.61 -22.01 -14.69
CA SER A 78 -11.41 -21.25 -15.15
C SER A 78 -11.55 -19.78 -14.80
N PRO A 79 -10.45 -19.07 -14.46
CA PRO A 79 -10.52 -17.64 -14.16
C PRO A 79 -10.97 -16.84 -15.41
N LEU A 80 -11.82 -15.83 -15.20
CA LEU A 80 -12.37 -14.97 -16.28
C LEU A 80 -11.78 -13.57 -16.13
N LEU A 81 -11.29 -12.98 -17.22
CA LEU A 81 -10.52 -11.72 -17.20
C LEU A 81 -11.27 -10.62 -17.94
N SER A 82 -12.17 -10.95 -18.86
CA SER A 82 -12.77 -9.94 -19.77
C SER A 82 -14.13 -10.41 -20.29
N LEU A 83 -14.88 -9.45 -20.81
CA LEU A 83 -16.32 -9.55 -21.04
C LEU A 83 -16.69 -8.51 -22.09
N GLU A 84 -17.42 -8.91 -23.13
CA GLU A 84 -17.83 -7.96 -24.21
C GLU A 84 -19.15 -8.45 -24.80
N TRP A 85 -20.16 -7.60 -24.79
CA TRP A 85 -21.45 -7.85 -25.47
C TRP A 85 -21.22 -7.82 -26.98
N ALA A 86 -21.92 -8.68 -27.72
CA ALA A 86 -22.02 -8.63 -29.18
C ALA A 86 -22.83 -7.40 -29.58
N THR A 87 -22.60 -6.86 -30.78
CA THR A 87 -23.11 -5.53 -31.19
C THR A 87 -24.40 -5.65 -31.99
N LYS A 88 -24.59 -6.75 -32.73
CA LYS A 88 -25.80 -6.95 -33.58
C LYS A 88 -26.68 -8.07 -33.01
N ARG A 89 -26.07 -9.03 -32.31
CA ARG A 89 -26.77 -10.17 -31.66
C ARG A 89 -26.78 -9.92 -30.15
N ASP A 90 -27.73 -9.11 -29.71
CA ASP A 90 -27.82 -8.50 -28.36
C ASP A 90 -27.58 -9.55 -27.27
N ARG A 91 -27.99 -10.79 -27.49
CA ARG A 91 -28.03 -11.85 -26.45
C ARG A 91 -26.67 -12.53 -26.31
N LEU A 92 -25.74 -12.32 -27.24
CA LEU A 92 -24.44 -13.02 -27.25
C LEU A 92 -23.43 -12.22 -26.44
N LEU A 93 -22.70 -12.90 -25.58
CA LEU A 93 -21.67 -12.34 -24.69
C LEU A 93 -20.35 -13.09 -24.93
N LEU A 94 -19.29 -12.36 -25.23
CA LEU A 94 -17.92 -12.91 -25.31
C LEU A 94 -17.29 -12.83 -23.92
N LEU A 95 -16.70 -13.94 -23.46
CA LEU A 95 -15.96 -14.05 -22.19
C LEU A 95 -14.50 -14.46 -22.49
N GLY A 96 -13.53 -13.67 -22.03
CA GLY A 96 -12.09 -14.02 -22.09
C GLY A 96 -11.62 -14.64 -20.79
N SER A 97 -10.93 -15.78 -20.87
CA SER A 97 -10.43 -16.54 -19.69
C SER A 97 -9.00 -16.13 -19.38
N GLY A 98 -8.48 -16.65 -18.26
CA GLY A 98 -7.05 -16.62 -17.89
C GLY A 98 -6.33 -17.90 -18.31
N VAL A 99 -6.97 -18.74 -19.12
CA VAL A 99 -6.42 -20.04 -19.60
C VAL A 99 -6.44 -20.06 -21.13
N GLY A 100 -6.26 -18.91 -21.77
CA GLY A 100 -6.07 -18.80 -23.23
C GLY A 100 -7.30 -19.22 -24.01
N THR A 101 -8.51 -18.86 -23.56
CA THR A 101 -9.78 -19.25 -24.23
C THR A 101 -10.75 -18.06 -24.32
N VAL A 102 -11.54 -18.04 -25.38
CA VAL A 102 -12.68 -17.12 -25.57
C VAL A 102 -13.95 -17.97 -25.67
N ARG A 103 -14.94 -17.66 -24.85
CA ARG A 103 -16.24 -18.35 -24.80
C ARG A 103 -17.29 -17.44 -25.42
N LEU A 104 -18.13 -17.97 -26.29
CA LEU A 104 -19.35 -17.29 -26.78
C LEU A 104 -20.55 -17.86 -26.03
N TYR A 105 -21.16 -17.04 -25.17
CA TYR A 105 -22.24 -17.42 -24.23
C TYR A 105 -23.57 -16.82 -24.71
N ASP A 106 -24.59 -17.65 -24.90
CA ASP A 106 -25.95 -17.22 -25.28
C ASP A 106 -26.74 -16.98 -23.98
N THR A 107 -27.00 -15.72 -23.66
CA THR A 107 -27.64 -15.27 -22.38
C THR A 107 -29.14 -15.61 -22.39
N GLU A 108 -29.75 -15.81 -23.57
CA GLU A 108 -31.18 -16.18 -23.74
C GLU A 108 -31.36 -17.69 -23.53
N ALA A 109 -30.55 -18.53 -24.19
CA ALA A 109 -30.57 -20.01 -24.08
C ALA A 109 -29.79 -20.44 -22.84
N LYS A 110 -28.99 -19.56 -22.25
CA LYS A 110 -28.24 -19.79 -20.99
C LYS A 110 -27.29 -20.99 -21.19
N LYS A 111 -26.49 -20.96 -22.27
CA LYS A 111 -25.51 -22.03 -22.63
C LYS A 111 -24.35 -21.44 -23.44
N ASN A 112 -23.18 -22.07 -23.33
CA ASN A 112 -21.98 -21.78 -24.17
C ASN A 112 -22.22 -22.35 -25.57
N LEU A 113 -22.09 -21.51 -26.61
CA LEU A 113 -22.13 -21.92 -28.04
C LEU A 113 -20.74 -22.37 -28.50
N CYS A 114 -19.70 -21.71 -27.98
CA CYS A 114 -18.33 -21.81 -28.45
C CYS A 114 -17.32 -21.68 -27.33
N GLU A 115 -16.25 -22.48 -27.40
CA GLU A 115 -15.03 -22.18 -26.69
C GLU A 115 -13.88 -22.34 -27.69
N ILE A 116 -13.01 -21.35 -27.80
CA ILE A 116 -11.87 -21.36 -28.76
C ILE A 116 -10.58 -21.12 -27.96
N ASN A 117 -9.53 -21.88 -28.27
CA ASN A 117 -8.20 -21.79 -27.61
C ASN A 117 -7.31 -20.84 -28.42
N ILE A 118 -6.61 -19.94 -27.75
CA ILE A 118 -5.56 -19.05 -28.35
C ILE A 118 -4.22 -19.80 -28.30
N ASN A 119 -3.48 -19.80 -29.41
CA ASN A 119 -2.19 -20.53 -29.58
C ASN A 119 -1.09 -19.79 -28.81
N ASP A 120 0.05 -20.45 -28.60
CA ASP A 120 1.11 -20.05 -27.62
C ASP A 120 0.51 -20.08 -26.21
N ASN A 121 1.34 -19.82 -25.19
CA ASN A 121 0.85 -19.52 -23.83
C ASN A 121 1.00 -18.03 -23.60
N MET A 122 0.07 -17.29 -24.20
CA MET A 122 -0.46 -16.01 -23.74
C MET A 122 -1.87 -16.27 -23.24
N PRO A 123 -1.99 -16.83 -22.02
CA PRO A 123 -3.27 -17.34 -21.54
C PRO A 123 -4.25 -16.24 -21.09
N ARG A 124 -3.74 -15.04 -20.83
CA ARG A 124 -4.53 -13.94 -20.23
C ARG A 124 -5.23 -13.15 -21.35
N ILE A 125 -6.54 -13.36 -21.49
CA ILE A 125 -7.38 -12.59 -22.44
C ILE A 125 -7.86 -11.32 -21.71
N LEU A 126 -7.12 -10.24 -21.88
CA LEU A 126 -7.24 -8.99 -21.05
C LEU A 126 -8.33 -8.10 -21.64
N SER A 127 -8.57 -8.17 -22.95
CA SER A 127 -9.46 -7.21 -23.65
C SER A 127 -10.20 -7.90 -24.79
N LEU A 128 -11.48 -7.56 -24.96
CA LEU A 128 -12.37 -7.97 -26.08
C LEU A 128 -13.11 -6.74 -26.58
N ALA A 129 -13.20 -6.57 -27.89
CA ALA A 129 -14.00 -5.49 -28.53
C ALA A 129 -14.68 -6.05 -29.77
N CYS A 130 -16.00 -5.91 -29.85
CA CYS A 130 -16.79 -6.29 -31.02
C CYS A 130 -16.90 -5.09 -31.95
N SER A 131 -16.68 -5.30 -33.25
CA SER A 131 -16.84 -4.24 -34.27
C SER A 131 -18.32 -3.85 -34.31
N PRO A 132 -18.63 -2.54 -34.47
CA PRO A 132 -20.02 -2.08 -34.60
C PRO A 132 -20.88 -2.82 -35.63
N ASN A 133 -20.30 -3.23 -36.76
CA ASN A 133 -21.04 -3.87 -37.88
C ASN A 133 -21.28 -5.37 -37.61
N GLY A 134 -20.76 -5.91 -36.50
CA GLY A 134 -21.08 -7.28 -36.04
C GLY A 134 -20.27 -8.36 -36.76
N ALA A 135 -19.33 -7.98 -37.64
CA ALA A 135 -18.62 -8.91 -38.54
C ALA A 135 -17.33 -9.43 -37.89
N SER A 136 -16.78 -8.76 -36.89
CA SER A 136 -15.48 -9.15 -36.30
C SER A 136 -15.42 -8.79 -34.83
N PHE A 137 -14.43 -9.34 -34.13
CA PHE A 137 -14.00 -8.85 -32.79
C PHE A 137 -12.48 -8.98 -32.69
N VAL A 138 -11.91 -8.23 -31.79
CA VAL A 138 -10.46 -8.28 -31.48
C VAL A 138 -10.34 -8.75 -30.05
N CYS A 139 -9.28 -9.47 -29.73
CA CYS A 139 -8.92 -9.72 -28.34
C CYS A 139 -7.43 -9.54 -28.17
N SER A 140 -7.03 -9.07 -26.99
CA SER A 140 -5.63 -9.07 -26.55
C SER A 140 -5.41 -10.32 -25.70
N ALA A 141 -4.31 -11.02 -25.96
CA ALA A 141 -3.84 -12.20 -25.21
C ALA A 141 -2.41 -11.93 -24.77
N ALA A 142 -2.17 -11.93 -23.46
CA ALA A 142 -0.87 -11.55 -22.86
C ALA A 142 -0.28 -12.75 -22.11
N ALA A 143 1.04 -12.79 -22.01
CA ALA A 143 1.80 -13.71 -21.15
C ALA A 143 1.44 -13.48 -19.69
N PRO A 144 1.78 -14.41 -18.78
CA PRO A 144 1.54 -14.18 -17.34
C PRO A 144 2.37 -12.98 -16.84
N SER A 145 1.80 -12.22 -15.91
CA SER A 145 2.38 -10.96 -15.37
C SER A 145 3.58 -11.29 -14.48
N LEU A 146 4.78 -10.82 -14.86
CA LEU A 146 6.05 -10.97 -14.11
C LEU A 146 6.65 -9.57 -13.89
N THR A 147 6.86 -8.82 -14.98
CA THR A 147 7.11 -7.36 -14.98
C THR A 147 5.94 -6.67 -15.68
N SER A 148 6.04 -5.37 -15.92
CA SER A 148 5.05 -4.57 -16.69
C SER A 148 5.22 -4.84 -18.18
N GLN A 149 6.41 -5.30 -18.58
CA GLN A 149 6.83 -5.45 -20.00
C GLN A 149 6.74 -6.93 -20.39
N VAL A 150 5.64 -7.61 -20.03
CA VAL A 150 5.34 -8.99 -20.50
C VAL A 150 4.80 -8.93 -21.92
N PRO A 151 5.25 -9.87 -22.80
CA PRO A 151 4.74 -9.94 -24.17
C PRO A 151 3.22 -10.12 -24.23
N GLY A 152 2.59 -9.56 -25.27
CA GLY A 152 1.18 -9.77 -25.59
C GLY A 152 0.96 -9.69 -27.09
N ARG A 153 -0.23 -10.12 -27.52
CA ARG A 153 -0.65 -10.14 -28.94
C ARG A 153 -2.00 -9.46 -29.06
N LEU A 154 -2.32 -9.01 -30.27
CA LEU A 154 -3.65 -8.46 -30.63
C LEU A 154 -4.21 -9.25 -31.82
N LEU A 155 -5.32 -9.97 -31.62
CA LEU A 155 -5.89 -10.95 -32.57
C LEU A 155 -7.18 -10.37 -33.16
N LEU A 156 -7.40 -10.58 -34.45
CA LEU A 156 -8.63 -10.19 -35.17
C LEU A 156 -9.38 -11.47 -35.55
N TRP A 157 -10.66 -11.55 -35.17
CA TRP A 157 -11.54 -12.74 -35.34
C TRP A 157 -12.70 -12.39 -36.28
N ASP A 158 -13.16 -13.36 -37.04
CA ASP A 158 -14.33 -13.26 -37.93
C ASP A 158 -15.52 -13.92 -37.21
N THR A 159 -16.59 -13.17 -36.97
CA THR A 159 -17.77 -13.67 -36.19
C THR A 159 -18.51 -14.74 -36.99
N LYS A 160 -18.54 -14.63 -38.32
CA LYS A 160 -19.33 -15.54 -39.20
C LYS A 160 -18.78 -16.98 -39.11
N THR A 161 -17.45 -17.15 -38.98
CA THR A 161 -16.79 -18.50 -38.90
C THR A 161 -16.29 -18.77 -37.47
N MET A 162 -16.29 -17.76 -36.61
CA MET A 162 -15.61 -17.78 -35.29
C MET A 162 -14.16 -18.31 -35.45
N LYS A 163 -13.47 -17.89 -36.52
CA LYS A 163 -12.06 -18.27 -36.78
C LYS A 163 -11.19 -17.00 -36.78
N GLN A 164 -9.98 -17.12 -36.25
CA GLN A 164 -8.96 -16.05 -36.21
C GLN A 164 -8.59 -15.72 -37.65
N GLN A 165 -8.48 -14.44 -38.00
CA GLN A 165 -8.08 -13.97 -39.36
C GLN A 165 -6.60 -13.61 -39.36
N LEU A 166 -6.16 -12.79 -38.42
CA LEU A 166 -4.76 -12.31 -38.38
C LEU A 166 -4.40 -11.86 -36.97
N GLN A 167 -3.12 -11.62 -36.74
N GLN A 167 -3.11 -11.63 -36.75
CA GLN A 167 -2.57 -10.99 -35.52
CA GLN A 167 -2.55 -10.99 -35.54
C GLN A 167 -1.79 -9.74 -35.94
C GLN A 167 -1.83 -9.71 -35.99
N PHE A 168 -2.08 -8.60 -35.32
CA PHE A 168 -1.38 -7.32 -35.56
C PHE A 168 0.00 -7.38 -34.91
N SER A 169 1.06 -7.05 -35.66
CA SER A 169 2.41 -6.79 -35.12
C SER A 169 2.33 -5.56 -34.21
N LEU A 170 2.97 -5.64 -33.05
CA LEU A 170 3.09 -4.53 -32.08
C LEU A 170 4.54 -4.06 -32.05
N ASP A 171 4.76 -2.77 -32.28
CA ASP A 171 6.11 -2.14 -32.28
C ASP A 171 6.26 -1.32 -31.00
N PRO A 172 7.46 -1.26 -30.37
CA PRO A 172 8.66 -1.94 -30.87
C PRO A 172 8.78 -3.41 -30.46
N GLU A 173 7.95 -3.87 -29.52
CA GLU A 173 8.00 -5.24 -28.95
C GLU A 173 6.58 -5.75 -28.74
N PRO A 174 6.35 -7.08 -28.76
CA PRO A 174 5.10 -7.65 -28.25
C PRO A 174 4.86 -7.13 -26.82
N ILE A 175 3.63 -6.77 -26.50
CA ILE A 175 3.28 -6.13 -25.20
C ILE A 175 1.81 -6.41 -24.90
N ALA A 176 1.47 -6.52 -23.62
CA ALA A 176 0.07 -6.69 -23.15
C ALA A 176 -0.74 -5.46 -23.53
N ILE A 177 -1.83 -5.65 -24.27
CA ILE A 177 -2.87 -4.62 -24.55
C ILE A 177 -3.95 -4.74 -23.47
N ASN A 178 -4.16 -3.66 -22.72
CA ASN A 178 -5.07 -3.62 -21.54
C ASN A 178 -6.47 -3.26 -22.00
N CYS A 179 -6.61 -2.44 -23.05
CA CYS A 179 -7.90 -1.81 -23.38
C CYS A 179 -7.98 -1.53 -24.87
N THR A 180 -9.18 -1.67 -25.42
CA THR A 180 -9.50 -1.56 -26.87
C THR A 180 -10.83 -0.87 -27.02
N ALA A 181 -10.97 -0.01 -28.03
CA ALA A 181 -12.26 0.59 -28.40
C ALA A 181 -12.30 0.84 -29.89
N PHE A 182 -13.43 0.53 -30.52
CA PHE A 182 -13.72 0.85 -31.94
C PHE A 182 -14.28 2.26 -32.00
N ASN A 183 -14.07 2.96 -33.10
CA ASN A 183 -14.82 4.20 -33.45
C ASN A 183 -16.20 3.77 -33.98
N HIS A 184 -17.03 4.73 -34.38
CA HIS A 184 -18.48 4.51 -34.62
C HIS A 184 -18.67 3.58 -35.84
N ASN A 185 -17.90 3.75 -36.91
CA ASN A 185 -18.01 2.94 -38.14
C ASN A 185 -17.25 1.61 -37.96
N GLY A 186 -16.24 1.59 -37.11
CA GLY A 186 -15.42 0.39 -36.85
C GLY A 186 -14.17 0.33 -37.71
N ASN A 187 -13.85 1.38 -38.47
CA ASN A 187 -12.63 1.43 -39.33
C ASN A 187 -11.39 1.77 -38.51
N LEU A 188 -11.52 2.28 -37.28
CA LEU A 188 -10.38 2.57 -36.38
C LEU A 188 -10.58 1.86 -35.04
N LEU A 189 -9.50 1.28 -34.53
CA LEU A 189 -9.44 0.65 -33.20
C LEU A 189 -8.32 1.35 -32.43
N VAL A 190 -8.63 1.91 -31.26
CA VAL A 190 -7.63 2.53 -30.38
C VAL A 190 -7.34 1.55 -29.25
N THR A 191 -6.07 1.42 -28.88
CA THR A 191 -5.59 0.46 -27.88
C THR A 191 -4.70 1.18 -26.87
N GLY A 192 -4.71 0.71 -25.63
CA GLY A 192 -3.73 1.11 -24.61
C GLY A 192 -3.00 -0.10 -24.08
N ALA A 193 -1.70 0.03 -23.83
CA ALA A 193 -0.81 -1.11 -23.53
C ALA A 193 -0.10 -0.91 -22.20
N ALA A 194 0.48 -1.99 -21.70
CA ALA A 194 1.22 -2.02 -20.42
C ALA A 194 2.49 -1.15 -20.51
N ASP A 195 2.96 -0.80 -21.71
CA ASP A 195 4.20 0.02 -21.91
C ASP A 195 3.84 1.51 -21.97
N GLY A 196 2.56 1.86 -21.78
CA GLY A 196 2.09 3.25 -21.70
C GLY A 196 1.86 3.83 -23.07
N VAL A 197 1.93 2.99 -24.12
CA VAL A 197 1.79 3.44 -25.52
C VAL A 197 0.33 3.24 -25.95
N ILE A 198 -0.22 4.23 -26.64
CA ILE A 198 -1.52 4.14 -27.33
C ILE A 198 -1.21 3.80 -28.78
N ARG A 199 -1.87 2.80 -29.32
CA ARG A 199 -1.75 2.40 -30.75
C ARG A 199 -3.11 2.50 -31.38
N LEU A 200 -3.20 3.20 -32.51
CA LEU A 200 -4.41 3.36 -33.33
C LEU A 200 -4.25 2.51 -34.58
N PHE A 201 -5.16 1.56 -34.76
CA PHE A 201 -5.15 0.62 -35.91
C PHE A 201 -6.20 1.06 -36.93
N ASP A 202 -5.76 1.12 -38.19
CA ASP A 202 -6.64 1.13 -39.38
C ASP A 202 -7.09 -0.30 -39.62
N MET A 203 -8.39 -0.57 -39.51
CA MET A 203 -8.97 -1.94 -39.49
C MET A 203 -9.36 -2.37 -40.89
N GLN A 204 -9.10 -1.53 -41.90
CA GLN A 204 -9.31 -1.83 -43.35
C GLN A 204 -7.97 -2.25 -43.97
N GLN A 205 -6.87 -1.56 -43.64
CA GLN A 205 -5.49 -1.87 -44.10
C GLN A 205 -4.82 -2.83 -43.13
N HIS A 206 -5.37 -2.99 -41.92
CA HIS A 206 -4.83 -3.83 -40.83
C HIS A 206 -3.39 -3.41 -40.53
N GLU A 207 -3.21 -2.19 -40.06
CA GLU A 207 -1.88 -1.69 -39.66
C GLU A 207 -2.04 -0.53 -38.67
N CYS A 208 -0.96 -0.25 -37.95
CA CYS A 208 -0.85 0.86 -36.98
C CYS A 208 -0.74 2.18 -37.76
N ALA A 209 -1.79 3.00 -37.75
CA ALA A 209 -1.83 4.33 -38.38
C ALA A 209 -1.00 5.31 -37.55
N MET A 210 -1.00 5.14 -36.23
CA MET A 210 -0.55 6.17 -35.24
C MET A 210 -0.19 5.46 -33.93
N SER A 211 0.91 5.83 -33.31
CA SER A 211 1.21 5.40 -31.93
C SER A 211 2.03 6.47 -31.21
N TRP A 212 1.86 6.59 -29.90
CA TRP A 212 2.61 7.57 -29.07
C TRP A 212 2.68 7.10 -27.62
N ARG A 213 3.71 7.53 -26.89
CA ARG A 213 3.81 7.39 -25.42
C ARG A 213 2.72 8.24 -24.78
N ALA A 214 1.77 7.63 -24.09
CA ALA A 214 0.58 8.33 -23.54
C ALA A 214 0.75 8.52 -22.04
N HIS A 215 1.23 7.50 -21.34
CA HIS A 215 1.30 7.45 -19.87
C HIS A 215 2.66 6.91 -19.44
N TYR A 216 3.12 7.36 -18.28
CA TYR A 216 4.21 6.73 -17.50
C TYR A 216 3.59 5.64 -16.64
N GLY A 217 3.79 4.39 -17.03
CA GLY A 217 3.05 3.24 -16.51
C GLY A 217 1.97 2.82 -17.49
N GLU A 218 1.10 1.92 -17.07
CA GLU A 218 0.12 1.20 -17.92
C GLU A 218 -0.97 2.19 -18.35
N VAL A 219 -1.46 2.03 -19.58
CA VAL A 219 -2.75 2.63 -20.01
C VAL A 219 -3.87 1.68 -19.55
N TYR A 220 -4.94 2.22 -18.97
CA TYR A 220 -6.04 1.45 -18.36
C TYR A 220 -7.30 1.50 -19.22
N SER A 221 -7.68 2.67 -19.74
CA SER A 221 -8.85 2.81 -20.63
C SER A 221 -8.57 3.83 -21.73
N VAL A 222 -9.23 3.64 -22.85
CA VAL A 222 -9.17 4.51 -24.05
C VAL A 222 -10.58 4.60 -24.61
N GLU A 223 -10.93 5.74 -25.19
CA GLU A 223 -12.21 5.93 -25.89
C GLU A 223 -12.03 6.99 -26.96
N PHE A 224 -12.78 6.85 -28.05
CA PHE A 224 -13.01 7.92 -29.02
C PHE A 224 -13.98 8.93 -28.41
N SER A 225 -13.71 10.21 -28.64
CA SER A 225 -14.66 11.31 -28.39
C SER A 225 -15.88 11.11 -29.31
N TYR A 226 -17.01 11.71 -28.93
CA TYR A 226 -18.28 11.69 -29.69
C TYR A 226 -18.01 12.14 -31.14
N ASP A 227 -17.28 13.25 -31.31
CA ASP A 227 -16.96 13.85 -32.63
C ASP A 227 -15.78 13.10 -33.27
N GLU A 228 -15.07 12.27 -32.51
CA GLU A 228 -13.96 11.39 -33.00
C GLU A 228 -12.77 12.24 -33.49
N ASN A 229 -12.67 13.51 -33.06
CA ASN A 229 -11.47 14.33 -33.32
C ASN A 229 -10.39 14.05 -32.27
N THR A 230 -10.75 13.38 -31.18
CA THR A 230 -9.82 13.11 -30.07
C THR A 230 -10.03 11.70 -29.53
N VAL A 231 -9.03 11.17 -28.83
CA VAL A 231 -9.18 9.98 -27.98
C VAL A 231 -8.82 10.38 -26.56
N TYR A 232 -9.55 9.83 -25.60
CA TYR A 232 -9.38 10.03 -24.16
C TYR A 232 -8.65 8.82 -23.60
N SER A 233 -7.75 9.02 -22.65
CA SER A 233 -7.04 7.91 -21.99
C SER A 233 -6.90 8.21 -20.50
N ILE A 234 -6.84 7.15 -19.72
CA ILE A 234 -6.52 7.18 -18.28
C ILE A 234 -5.49 6.08 -18.03
N GLY A 235 -4.47 6.38 -17.22
CA GLY A 235 -3.31 5.51 -17.00
C GLY A 235 -2.85 5.49 -15.57
N GLU A 236 -1.80 4.72 -15.31
CA GLU A 236 -1.27 4.39 -13.97
C GLU A 236 -0.66 5.64 -13.33
N ASP A 237 -0.28 6.66 -14.12
CA ASP A 237 0.35 7.90 -13.61
C ASP A 237 -0.73 8.86 -13.05
N GLY A 238 -2.01 8.49 -13.17
CA GLY A 238 -3.15 9.19 -12.56
C GLY A 238 -3.73 10.26 -13.46
N LYS A 239 -3.25 10.35 -14.70
CA LYS A 239 -3.60 11.41 -15.67
C LYS A 239 -4.82 10.98 -16.47
N PHE A 240 -5.76 11.91 -16.66
CA PHE A 240 -6.80 11.84 -17.71
C PHE A 240 -6.36 12.76 -18.84
N ILE A 241 -6.14 12.22 -20.05
CA ILE A 241 -5.59 13.01 -21.18
C ILE A 241 -6.50 12.91 -22.39
N GLN A 242 -6.71 14.02 -23.07
CA GLN A 242 -7.38 14.09 -24.38
C GLN A 242 -6.32 14.33 -25.44
N TRP A 243 -6.28 13.47 -26.45
CA TRP A 243 -5.26 13.44 -27.53
C TRP A 243 -5.87 13.87 -28.86
N ASN A 244 -5.13 14.65 -29.63
CA ASN A 244 -5.45 15.02 -31.02
C ASN A 244 -5.26 13.79 -31.91
N ILE A 245 -6.34 13.29 -32.55
CA ILE A 245 -6.32 12.06 -33.38
C ILE A 245 -5.68 12.36 -34.74
N HIS A 246 -5.47 13.64 -35.09
CA HIS A 246 -4.89 14.09 -36.39
C HIS A 246 -3.40 14.41 -36.25
N LYS A 247 -2.85 14.45 -35.04
CA LYS A 247 -1.44 14.85 -34.77
C LYS A 247 -0.89 14.00 -33.62
N SER A 248 -0.05 13.02 -33.94
CA SER A 248 0.36 11.92 -33.03
C SER A 248 1.01 12.49 -31.76
N GLY A 249 0.43 12.19 -30.60
CA GLY A 249 1.01 12.53 -29.29
C GLY A 249 0.77 13.98 -28.90
N LEU A 250 -0.01 14.72 -29.68
CA LEU A 250 -0.36 16.14 -29.36
C LEU A 250 -1.57 16.13 -28.42
N LYS A 251 -1.40 16.67 -27.21
CA LYS A 251 -2.46 16.71 -26.17
C LYS A 251 -3.42 17.87 -26.47
N VAL A 252 -4.72 17.66 -26.30
CA VAL A 252 -5.71 18.76 -26.33
C VAL A 252 -5.85 19.30 -24.91
N SER A 253 -6.01 18.41 -23.93
CA SER A 253 -6.15 18.76 -22.51
C SER A 253 -5.64 17.60 -21.65
N GLU A 254 -5.43 17.87 -20.38
CA GLU A 254 -4.70 16.98 -19.46
C GLU A 254 -5.10 17.35 -18.03
N TYR A 255 -5.48 16.36 -17.22
CA TYR A 255 -5.84 16.57 -15.80
C TYR A 255 -5.23 15.46 -14.94
N SER A 256 -4.74 15.84 -13.77
CA SER A 256 -4.41 14.92 -12.65
C SER A 256 -5.70 14.56 -11.93
N LEU A 257 -6.17 13.33 -12.07
CA LEU A 257 -7.37 12.85 -11.33
C LEU A 257 -6.99 12.59 -9.88
N PRO A 258 -7.95 12.68 -8.94
CA PRO A 258 -7.70 12.21 -7.58
C PRO A 258 -7.25 10.74 -7.67
N SER A 259 -6.42 10.31 -6.73
CA SER A 259 -5.75 8.99 -6.75
C SER A 259 -6.78 7.87 -6.74
N ASP A 260 -7.92 8.05 -6.05
CA ASP A 260 -8.96 6.99 -5.94
C ASP A 260 -9.72 6.81 -7.26
N ALA A 261 -9.37 7.55 -8.33
CA ALA A 261 -9.91 7.34 -9.70
C ALA A 261 -9.17 6.21 -10.40
N THR A 262 -7.90 5.99 -10.07
CA THR A 262 -7.02 5.05 -10.82
C THR A 262 -6.41 4.00 -9.91
N GLY A 263 -6.54 4.14 -8.60
CA GLY A 263 -6.11 3.13 -7.62
C GLY A 263 -4.59 3.13 -7.46
N PRO A 264 -3.98 2.03 -6.95
CA PRO A 264 -4.68 0.76 -6.78
C PRO A 264 -5.81 0.87 -5.75
N PHE A 265 -6.86 0.09 -5.91
CA PHE A 265 -8.08 0.11 -5.08
C PHE A 265 -7.92 -0.89 -3.93
N VAL A 266 -8.05 -0.41 -2.69
CA VAL A 266 -7.71 -1.16 -1.45
C VAL A 266 -8.95 -1.24 -0.56
N LEU A 267 -9.33 -2.44 -0.14
CA LEU A 267 -10.33 -2.68 0.94
C LEU A 267 -9.64 -3.40 2.12
N SER A 268 -9.53 -2.71 3.26
CA SER A 268 -8.87 -3.19 4.51
C SER A 268 -9.91 -3.69 5.52
N GLY A 269 -9.47 -4.50 6.48
CA GLY A 269 -10.12 -4.72 7.79
C GLY A 269 -9.23 -4.25 8.91
N TYR A 270 -9.43 -4.75 10.12
CA TYR A 270 -8.52 -4.59 11.28
C TYR A 270 -7.77 -5.91 11.51
N SER A 271 -7.78 -6.77 10.47
CA SER A 271 -7.25 -8.16 10.49
C SER A 271 -5.76 -8.16 10.16
N GLY A 272 -5.26 -7.07 9.58
CA GLY A 272 -4.01 -7.05 8.80
C GLY A 272 -4.28 -7.46 7.36
N TYR A 273 -5.43 -8.09 7.11
CA TYR A 273 -5.86 -8.62 5.79
C TYR A 273 -6.39 -7.47 4.94
N LYS A 274 -5.99 -7.38 3.68
CA LYS A 274 -6.59 -6.40 2.73
C LYS A 274 -6.65 -7.01 1.33
N GLN A 275 -7.59 -6.54 0.53
CA GLN A 275 -7.69 -6.84 -0.91
C GLN A 275 -7.22 -5.61 -1.70
N VAL A 276 -6.42 -5.84 -2.74
CA VAL A 276 -5.85 -4.78 -3.61
C VAL A 276 -6.19 -5.13 -5.06
N GLN A 277 -6.88 -4.23 -5.77
CA GLN A 277 -7.28 -4.39 -7.20
C GLN A 277 -6.58 -3.29 -8.00
N VAL A 278 -5.76 -3.64 -8.96
CA VAL A 278 -5.27 -2.67 -10.00
C VAL A 278 -6.33 -2.64 -11.09
N PRO A 279 -6.54 -1.49 -11.75
CA PRO A 279 -7.60 -1.39 -12.74
C PRO A 279 -7.52 -2.49 -13.81
N ARG A 280 -8.68 -3.02 -14.18
CA ARG A 280 -8.85 -4.13 -15.13
C ARG A 280 -10.05 -3.79 -16.02
N GLY A 281 -11.19 -3.42 -15.43
CA GLY A 281 -12.37 -2.94 -16.15
C GLY A 281 -12.30 -1.45 -16.45
N ARG A 282 -13.26 -0.93 -17.19
N ARG A 282 -13.25 -0.95 -17.24
CA ARG A 282 -13.30 0.48 -17.66
CA ARG A 282 -13.44 0.50 -17.59
C ARG A 282 -13.34 1.45 -16.46
C ARG A 282 -13.25 1.37 -16.34
N LEU A 283 -12.40 2.40 -16.44
CA LEU A 283 -12.22 3.40 -15.35
C LEU A 283 -13.02 4.66 -15.69
N PHE A 284 -13.51 4.80 -16.90
CA PHE A 284 -14.36 5.96 -17.28
C PHE A 284 -15.45 5.53 -18.23
N ALA A 285 -16.52 6.31 -18.27
CA ALA A 285 -17.68 6.14 -19.16
C ALA A 285 -18.26 7.52 -19.44
N PHE A 286 -19.08 7.63 -20.48
CA PHE A 286 -19.54 8.91 -21.07
C PHE A 286 -21.04 8.90 -21.30
N ASP A 287 -21.67 10.07 -21.22
CA ASP A 287 -23.08 10.26 -21.59
C ASP A 287 -23.18 10.19 -23.12
N SER A 288 -24.40 10.13 -23.66
CA SER A 288 -24.66 9.70 -25.06
C SER A 288 -23.97 10.66 -26.04
N GLU A 289 -23.81 11.93 -25.65
CA GLU A 289 -23.21 12.99 -26.51
C GLU A 289 -21.74 13.26 -26.11
N GLY A 290 -21.21 12.57 -25.11
CA GLY A 290 -19.81 12.71 -24.66
C GLY A 290 -19.50 14.12 -24.16
N ASN A 291 -20.43 14.74 -23.44
CA ASN A 291 -20.21 16.03 -22.76
C ASN A 291 -19.78 15.81 -21.32
N TYR A 292 -20.05 14.62 -20.78
CA TYR A 292 -19.86 14.30 -19.34
C TYR A 292 -19.15 12.97 -19.21
N MET A 293 -18.38 12.83 -18.14
CA MET A 293 -17.57 11.63 -17.88
C MET A 293 -17.79 11.17 -16.43
N LEU A 294 -18.14 9.90 -16.28
CA LEU A 294 -18.25 9.16 -15.00
C LEU A 294 -16.89 8.53 -14.67
N THR A 295 -16.44 8.68 -13.42
CA THR A 295 -15.18 8.10 -12.91
C THR A 295 -15.42 7.46 -11.54
N CYS A 296 -14.48 6.62 -11.10
CA CYS A 296 -14.45 5.94 -9.79
C CYS A 296 -14.07 6.93 -8.70
N SER A 297 -14.56 6.72 -7.48
CA SER A 297 -13.97 7.29 -6.22
C SER A 297 -14.26 6.33 -5.08
N ALA A 298 -13.72 6.61 -3.90
CA ALA A 298 -13.82 5.75 -2.70
C ALA A 298 -15.31 5.53 -2.33
N THR A 299 -16.19 6.52 -2.58
CA THR A 299 -17.58 6.52 -2.03
C THR A 299 -18.64 6.51 -3.13
N GLY A 300 -18.24 6.45 -4.40
CA GLY A 300 -19.19 6.37 -5.52
C GLY A 300 -18.67 7.02 -6.78
N GLY A 301 -19.51 7.04 -7.82
CA GLY A 301 -19.22 7.67 -9.11
C GLY A 301 -19.09 9.16 -8.94
N VAL A 302 -18.11 9.76 -9.62
CA VAL A 302 -17.93 11.24 -9.72
C VAL A 302 -18.01 11.59 -11.19
N ILE A 303 -18.93 12.50 -11.56
CA ILE A 303 -19.14 12.96 -12.97
C ILE A 303 -18.52 14.35 -13.15
N TYR A 304 -17.75 14.51 -14.23
CA TYR A 304 -17.11 15.79 -14.65
C TYR A 304 -17.73 16.24 -15.97
N LYS A 305 -17.88 17.55 -16.15
CA LYS A 305 -18.17 18.18 -17.47
C LYS A 305 -16.85 18.23 -18.25
N LEU A 306 -16.84 17.79 -19.51
CA LEU A 306 -15.68 17.87 -20.44
C LEU A 306 -15.71 19.21 -21.16
N GLY A 307 -14.62 20.00 -21.08
CA GLY A 307 -14.52 21.36 -21.67
C GLY A 307 -13.27 22.09 -21.23
N GLU A 310 -10.88 25.00 -17.55
CA GLU A 310 -10.43 25.10 -16.13
C GLU A 310 -9.32 24.06 -15.88
N LYS A 311 -8.11 24.54 -15.56
CA LYS A 311 -6.94 23.70 -15.19
C LYS A 311 -7.39 22.61 -14.20
N VAL A 312 -8.08 23.01 -13.12
CA VAL A 312 -8.82 22.10 -12.21
C VAL A 312 -10.11 21.65 -12.92
N LEU A 313 -10.34 20.33 -13.02
CA LEU A 313 -11.50 19.74 -13.78
C LEU A 313 -12.79 19.91 -12.96
N GLU A 314 -13.92 20.12 -13.65
CA GLU A 314 -15.20 20.62 -13.06
C GLU A 314 -16.08 19.43 -12.65
N SER A 315 -15.89 18.93 -11.42
CA SER A 315 -16.74 17.89 -10.79
C SER A 315 -18.13 18.47 -10.49
N CYS A 316 -19.17 18.02 -11.20
CA CYS A 316 -20.52 18.63 -11.17
C CYS A 316 -21.57 17.69 -10.55
N LEU A 317 -21.26 16.40 -10.38
CA LEU A 317 -22.20 15.46 -9.70
C LEU A 317 -21.45 14.29 -9.07
N SER A 318 -21.72 14.02 -7.78
CA SER A 318 -21.22 12.85 -7.03
C SER A 318 -22.38 11.90 -6.75
N LEU A 319 -22.31 10.65 -7.19
CA LEU A 319 -23.46 9.73 -7.14
C LEU A 319 -23.55 9.05 -5.77
N GLY A 320 -22.44 8.98 -5.02
CA GLY A 320 -22.40 8.40 -3.66
C GLY A 320 -22.91 6.96 -3.64
N GLY A 321 -23.19 6.44 -2.43
CA GLY A 321 -23.95 5.19 -2.23
C GLY A 321 -23.07 3.97 -1.99
N HIS A 322 -21.75 4.13 -1.94
CA HIS A 322 -20.78 3.00 -1.79
C HIS A 322 -20.04 3.11 -0.45
N ARG A 323 -19.85 1.99 0.23
CA ARG A 323 -19.08 1.87 1.50
C ARG A 323 -17.76 1.12 1.24
N ALA A 324 -17.41 0.91 -0.01
CA ALA A 324 -16.11 0.33 -0.44
C ALA A 324 -15.72 0.98 -1.75
N PRO A 325 -14.43 1.01 -2.13
CA PRO A 325 -14.02 1.67 -3.36
C PRO A 325 -14.74 1.17 -4.62
N VAL A 326 -15.19 2.11 -5.45
CA VAL A 326 -15.65 1.87 -6.84
C VAL A 326 -14.42 1.60 -7.71
N VAL A 327 -14.46 0.52 -8.48
CA VAL A 327 -13.30 0.03 -9.28
C VAL A 327 -13.64 0.02 -10.76
N THR A 328 -14.92 0.11 -11.13
CA THR A 328 -15.33 0.10 -12.56
C THR A 328 -16.72 0.74 -12.70
N VAL A 329 -16.97 1.36 -13.85
CA VAL A 329 -18.19 2.17 -14.12
C VAL A 329 -18.71 1.85 -15.52
N ASP A 330 -19.97 2.12 -15.76
CA ASP A 330 -20.53 2.19 -17.12
C ASP A 330 -21.61 3.26 -17.12
N TRP A 331 -21.95 3.75 -18.30
CA TRP A 331 -22.98 4.78 -18.52
C TRP A 331 -23.73 4.41 -19.81
N SER A 332 -25.01 4.10 -19.71
CA SER A 332 -25.87 3.69 -20.85
C SER A 332 -27.05 4.65 -20.95
N THR A 333 -27.51 4.93 -22.17
CA THR A 333 -28.69 5.77 -22.48
C THR A 333 -29.62 5.00 -23.41
N ALA A 334 -30.88 4.84 -23.02
CA ALA A 334 -31.97 4.29 -23.85
C ALA A 334 -33.31 4.86 -23.37
N MET A 335 -34.22 5.12 -24.32
CA MET A 335 -35.52 5.78 -24.06
C MET A 335 -35.29 7.12 -23.38
N ASP A 336 -34.29 7.90 -23.84
CA ASP A 336 -34.00 9.27 -23.35
C ASP A 336 -33.84 9.23 -21.82
N CYS A 337 -33.21 8.18 -21.31
CA CYS A 337 -32.97 8.00 -19.85
C CYS A 337 -31.60 7.34 -19.67
N GLY A 338 -30.72 7.95 -18.89
CA GLY A 338 -29.34 7.50 -18.68
C GLY A 338 -29.27 6.60 -17.46
N THR A 339 -28.43 5.59 -17.52
CA THR A 339 -28.18 4.66 -16.39
C THR A 339 -26.68 4.58 -16.14
N CYS A 340 -26.24 4.96 -14.94
CA CYS A 340 -24.84 4.84 -14.45
C CYS A 340 -24.71 3.60 -13.59
N LEU A 341 -23.74 2.73 -13.92
CA LEU A 341 -23.29 1.63 -13.05
C LEU A 341 -22.01 2.08 -12.33
N THR A 342 -21.99 1.89 -11.02
CA THR A 342 -20.77 2.01 -10.18
C THR A 342 -20.64 0.70 -9.39
N ALA A 343 -19.49 0.04 -9.51
CA ALA A 343 -19.21 -1.32 -8.95
C ALA A 343 -18.04 -1.23 -7.97
N SER A 344 -18.21 -1.76 -6.78
CA SER A 344 -17.25 -1.57 -5.67
C SER A 344 -16.68 -2.92 -5.20
N MET A 345 -15.63 -2.86 -4.38
CA MET A 345 -14.80 -4.03 -3.97
C MET A 345 -15.58 -4.94 -3.02
N ASP A 346 -16.72 -4.50 -2.52
CA ASP A 346 -17.62 -5.33 -1.66
C ASP A 346 -18.58 -6.14 -2.55
N GLY A 347 -18.51 -5.98 -3.87
CA GLY A 347 -19.36 -6.72 -4.83
C GLY A 347 -20.68 -6.01 -5.14
N LYS A 348 -20.94 -4.85 -4.51
CA LYS A 348 -22.19 -4.06 -4.70
C LYS A 348 -22.13 -3.31 -6.03
N ILE A 349 -23.22 -3.30 -6.80
CA ILE A 349 -23.35 -2.49 -8.03
C ILE A 349 -24.51 -1.51 -7.84
N LYS A 350 -24.21 -0.22 -7.79
CA LYS A 350 -25.24 0.84 -7.71
C LYS A 350 -25.62 1.26 -9.13
N LEU A 351 -26.92 1.31 -9.37
CA LEU A 351 -27.52 1.71 -10.66
C LEU A 351 -28.27 3.03 -10.42
N THR A 352 -27.72 4.13 -10.91
CA THR A 352 -28.26 5.50 -10.77
C THR A 352 -28.93 5.89 -12.08
N THR A 353 -30.21 6.28 -12.02
CA THR A 353 -31.00 6.70 -13.19
C THR A 353 -30.91 8.23 -13.30
N LEU A 354 -30.41 8.73 -14.42
CA LEU A 354 -30.25 10.17 -14.71
C LEU A 354 -31.11 10.54 -15.93
N LEU A 355 -31.90 11.60 -15.82
CA LEU A 355 -32.49 12.29 -17.00
C LEU A 355 -31.79 13.64 -17.20
N ALA A 356 -31.48 13.97 -18.46
CA ALA A 356 -31.02 15.31 -18.93
C ALA A 356 -31.47 16.40 -17.96
N GLN B 21 18.96 -37.77 11.18
CA GLN B 21 17.81 -36.83 10.95
C GLN B 21 17.13 -36.56 12.29
N PRO B 22 16.94 -35.28 12.68
CA PRO B 22 16.40 -34.97 14.00
C PRO B 22 14.94 -35.46 14.17
N PHE B 23 14.18 -35.49 13.07
CA PHE B 23 12.75 -35.89 13.06
C PHE B 23 12.47 -36.87 11.93
N ILE B 24 11.60 -37.84 12.20
CA ILE B 24 10.92 -38.72 11.19
C ILE B 24 9.50 -38.19 10.96
N VAL B 25 9.11 -38.01 9.69
CA VAL B 25 7.76 -37.56 9.25
C VAL B 25 6.83 -38.80 9.16
N LEU B 26 5.85 -38.92 10.05
CA LEU B 26 4.92 -40.08 10.09
C LEU B 26 3.75 -39.86 9.11
N GLY B 27 3.41 -38.61 8.82
CA GLY B 27 2.35 -38.25 7.87
C GLY B 27 2.13 -36.75 7.75
N GLN B 28 1.51 -36.33 6.65
CA GLN B 28 0.97 -34.97 6.43
C GLN B 28 -0.49 -35.11 5.99
N GLU B 29 -1.43 -34.53 6.72
CA GLU B 29 -2.85 -34.49 6.34
C GLU B 29 -3.27 -33.03 6.11
N GLU B 30 -4.39 -32.82 5.44
CA GLU B 30 -4.92 -31.49 5.13
C GLU B 30 -6.29 -31.34 5.80
N TYR B 31 -6.50 -30.26 6.53
CA TYR B 31 -7.84 -29.80 6.98
C TYR B 31 -8.25 -28.64 6.08
N GLY B 32 -9.36 -28.81 5.36
CA GLY B 32 -9.74 -27.96 4.21
C GLY B 32 -11.11 -27.31 4.40
N GLU B 33 -11.65 -27.31 5.62
CA GLU B 33 -13.02 -26.79 5.91
C GLU B 33 -13.06 -25.26 5.81
N HIS B 34 -11.95 -24.57 6.03
CA HIS B 34 -11.88 -23.09 5.83
C HIS B 34 -11.83 -22.82 4.33
N HIS B 35 -12.52 -21.78 3.86
CA HIS B 35 -12.53 -21.35 2.44
C HIS B 35 -11.93 -19.94 2.30
N SER B 36 -11.41 -19.40 3.40
CA SER B 36 -10.77 -18.05 3.45
C SER B 36 -9.41 -18.18 4.12
N SER B 37 -8.51 -17.23 3.86
CA SER B 37 -7.16 -17.17 4.45
C SER B 37 -7.24 -17.33 5.98
N ILE B 38 -6.30 -18.05 6.57
CA ILE B 38 -6.27 -18.36 8.02
C ILE B 38 -5.61 -17.20 8.76
N MET B 39 -6.19 -16.80 9.88
CA MET B 39 -5.65 -15.80 10.81
C MET B 39 -4.90 -16.53 11.92
N HIS B 40 -5.53 -17.53 12.52
CA HIS B 40 -5.04 -18.24 13.72
C HIS B 40 -5.37 -19.73 13.62
N CYS B 41 -4.47 -20.60 14.06
CA CYS B 41 -4.76 -22.02 14.36
C CYS B 41 -3.88 -22.42 15.53
N ARG B 42 -4.52 -22.76 16.64
CA ARG B 42 -3.82 -23.10 17.91
C ARG B 42 -4.32 -24.47 18.37
N VAL B 43 -3.39 -25.31 18.81
CA VAL B 43 -3.70 -26.63 19.44
C VAL B 43 -4.07 -26.37 20.89
N ASP B 44 -5.09 -27.06 21.41
CA ASP B 44 -5.55 -26.90 22.81
C ASP B 44 -4.46 -27.44 23.76
N CYS B 45 -4.67 -27.32 25.06
CA CYS B 45 -3.67 -27.65 26.11
C CYS B 45 -3.50 -29.17 26.22
N SER B 46 -4.52 -29.95 25.80
CA SER B 46 -4.51 -31.44 25.83
C SER B 46 -3.80 -32.01 24.59
N GLY B 47 -3.51 -31.17 23.60
CA GLY B 47 -2.78 -31.52 22.37
C GLY B 47 -3.61 -32.34 21.40
N ARG B 48 -4.93 -32.31 21.53
CA ARG B 48 -5.85 -33.18 20.73
C ARG B 48 -6.94 -32.37 20.01
N ARG B 49 -7.00 -31.04 20.17
CA ARG B 49 -8.01 -30.20 19.47
C ARG B 49 -7.31 -29.00 18.82
N VAL B 50 -7.72 -28.64 17.61
CA VAL B 50 -7.34 -27.35 16.99
C VAL B 50 -8.54 -26.39 17.01
N ALA B 51 -8.27 -25.12 17.30
CA ALA B 51 -9.18 -24.00 17.00
C ALA B 51 -8.53 -23.18 15.92
N SER B 52 -9.22 -23.02 14.78
CA SER B 52 -8.72 -22.23 13.64
C SER B 52 -9.76 -21.15 13.27
N LEU B 53 -9.25 -19.96 12.96
CA LEU B 53 -10.05 -18.75 12.65
C LEU B 53 -9.55 -18.20 11.32
N ASP B 54 -10.46 -17.97 10.38
CA ASP B 54 -10.15 -17.42 9.05
C ASP B 54 -10.67 -15.97 8.98
N VAL B 55 -10.38 -15.27 7.88
CA VAL B 55 -10.50 -13.78 7.80
C VAL B 55 -11.98 -13.41 7.62
N ASP B 56 -12.81 -14.35 7.17
CA ASP B 56 -14.29 -14.21 7.11
C ASP B 56 -14.92 -14.37 8.51
N GLY B 57 -14.12 -14.61 9.55
CA GLY B 57 -14.59 -14.80 10.94
C GLY B 57 -15.27 -16.16 11.17
N VAL B 58 -14.98 -17.17 10.35
CA VAL B 58 -15.39 -18.59 10.60
C VAL B 58 -14.44 -19.19 11.63
N ILE B 59 -14.95 -19.62 12.78
CA ILE B 59 -14.24 -20.46 13.78
C ILE B 59 -14.54 -21.93 13.50
N LYS B 60 -13.50 -22.77 13.46
CA LYS B 60 -13.64 -24.24 13.45
C LYS B 60 -12.87 -24.78 14.65
N VAL B 61 -13.51 -25.67 15.40
CA VAL B 61 -12.86 -26.56 16.39
C VAL B 61 -12.85 -27.95 15.80
N TRP B 62 -11.67 -28.57 15.70
CA TRP B 62 -11.55 -29.91 15.09
C TRP B 62 -10.53 -30.77 15.83
N SER B 63 -10.77 -32.07 15.79
CA SER B 63 -9.84 -33.14 16.19
C SER B 63 -9.03 -33.57 14.96
N PHE B 64 -7.89 -34.22 15.15
CA PHE B 64 -7.04 -34.73 14.04
C PHE B 64 -6.47 -36.12 14.34
N ASN B 65 -6.54 -36.58 15.58
CA ASN B 65 -6.07 -37.93 16.00
C ASN B 65 -7.28 -38.67 16.55
N PRO B 66 -7.72 -39.78 15.95
CA PRO B 66 -6.98 -40.46 14.89
C PRO B 66 -7.33 -40.04 13.45
N ILE B 67 -8.32 -39.17 13.28
CA ILE B 67 -8.74 -38.62 11.95
C ILE B 67 -9.13 -37.15 12.14
N MET B 68 -9.19 -36.40 11.06
CA MET B 68 -9.74 -35.02 11.04
C MET B 68 -11.27 -35.10 11.13
N GLN B 69 -11.83 -34.41 12.13
CA GLN B 69 -13.27 -34.41 12.47
C GLN B 69 -13.60 -33.05 13.08
N THR B 70 -14.50 -32.30 12.45
CA THR B 70 -14.96 -30.98 12.94
C THR B 70 -15.88 -31.22 14.14
N LYS B 71 -15.57 -30.62 15.29
CA LYS B 71 -16.38 -30.74 16.53
C LYS B 71 -17.36 -29.57 16.63
N ALA B 72 -16.95 -28.39 16.17
CA ALA B 72 -17.79 -27.18 16.24
C ALA B 72 -17.44 -26.24 15.10
N SER B 73 -18.42 -25.47 14.66
CA SER B 73 -18.32 -24.47 13.60
C SER B 73 -19.24 -23.30 13.93
N SER B 74 -18.78 -22.06 13.76
CA SER B 74 -19.65 -20.85 13.80
C SER B 74 -19.04 -19.70 13.00
N ILE B 75 -19.88 -18.98 12.24
N ILE B 75 -19.89 -19.00 12.24
CA ILE B 75 -19.58 -17.64 11.65
CA ILE B 75 -19.63 -17.64 11.66
C ILE B 75 -19.87 -16.58 12.71
C ILE B 75 -19.87 -16.61 12.76
N SER B 76 -18.87 -15.76 13.04
CA SER B 76 -19.03 -14.58 13.92
C SER B 76 -19.74 -13.49 13.13
N LYS B 77 -20.74 -12.82 13.71
CA LYS B 77 -21.35 -11.60 13.13
C LYS B 77 -20.28 -10.51 13.09
N SER B 78 -19.55 -10.37 14.20
CA SER B 78 -18.47 -9.37 14.40
C SER B 78 -17.13 -9.96 13.96
N PRO B 79 -16.21 -9.15 13.39
CA PRO B 79 -14.85 -9.59 13.10
C PRO B 79 -14.12 -10.14 14.34
N LEU B 80 -13.37 -11.23 14.18
CA LEU B 80 -12.56 -11.85 15.27
C LEU B 80 -11.09 -11.66 14.93
N LEU B 81 -10.28 -11.22 15.91
CA LEU B 81 -8.87 -10.83 15.72
C LEU B 81 -7.93 -11.78 16.47
N SER B 82 -8.41 -12.47 17.52
CA SER B 82 -7.53 -13.27 18.41
C SER B 82 -8.31 -14.42 19.05
N LEU B 83 -7.57 -15.40 19.55
CA LEU B 83 -8.06 -16.74 19.92
C LEU B 83 -7.06 -17.29 20.93
N GLU B 84 -7.54 -17.83 22.06
CA GLU B 84 -6.63 -18.38 23.09
C GLU B 84 -7.36 -19.47 23.84
N TRP B 85 -6.79 -20.67 23.89
CA TRP B 85 -7.31 -21.79 24.69
C TRP B 85 -7.11 -21.47 26.17
N ALA B 86 -8.05 -21.88 27.01
CA ALA B 86 -7.93 -21.93 28.48
C ALA B 86 -6.91 -23.00 28.85
N THR B 87 -6.20 -22.83 29.97
CA THR B 87 -5.04 -23.68 30.34
C THR B 87 -5.47 -24.83 31.26
N LYS B 88 -6.55 -24.69 32.04
CA LYS B 88 -7.02 -25.72 33.01
C LYS B 88 -8.36 -26.29 32.59
N ARG B 89 -9.23 -25.47 32.00
CA ARG B 89 -10.55 -25.90 31.48
C ARG B 89 -10.40 -26.09 29.96
N ASP B 90 -9.91 -27.27 29.58
CA ASP B 90 -9.41 -27.63 28.22
C ASP B 90 -10.38 -27.15 27.14
N ARG B 91 -11.69 -27.18 27.42
CA ARG B 91 -12.76 -27.02 26.41
C ARG B 91 -13.12 -25.55 26.22
N LEU B 92 -12.67 -24.66 27.10
CA LEU B 92 -13.00 -23.21 27.03
C LEU B 92 -12.01 -22.52 26.09
N LEU B 93 -12.53 -21.66 25.22
CA LEU B 93 -11.80 -20.89 24.20
C LEU B 93 -12.16 -19.41 24.34
N LEU B 94 -11.16 -18.56 24.58
CA LEU B 94 -11.33 -17.10 24.55
C LEU B 94 -11.20 -16.64 23.09
N LEU B 95 -12.13 -15.80 22.64
CA LEU B 95 -12.14 -15.13 21.32
C LEU B 95 -12.14 -13.61 21.52
N GLY B 96 -11.18 -12.90 20.93
CA GLY B 96 -11.15 -11.43 20.89
C GLY B 96 -11.69 -10.88 19.58
N SER B 97 -12.60 -9.90 19.66
CA SER B 97 -13.29 -9.31 18.49
C SER B 97 -12.58 -8.04 18.03
N GLY B 98 -13.04 -7.47 16.92
CA GLY B 98 -12.68 -6.12 16.43
C GLY B 98 -13.71 -5.09 16.83
N VAL B 99 -14.60 -5.42 17.78
CA VAL B 99 -15.66 -4.50 18.29
C VAL B 99 -15.58 -4.44 19.83
N GLY B 100 -14.37 -4.58 20.38
CA GLY B 100 -14.12 -4.35 21.81
C GLY B 100 -14.81 -5.36 22.71
N THR B 101 -14.81 -6.65 22.32
CA THR B 101 -15.46 -7.74 23.12
C THR B 101 -14.54 -8.96 23.23
N VAL B 102 -14.57 -9.61 24.38
CA VAL B 102 -13.98 -10.95 24.59
C VAL B 102 -15.14 -11.92 24.85
N ARG B 103 -15.19 -13.00 24.07
CA ARG B 103 -16.18 -14.08 24.19
C ARG B 103 -15.50 -15.28 24.83
N LEU B 104 -16.14 -15.89 25.81
CA LEU B 104 -15.75 -17.21 26.37
C LEU B 104 -16.67 -18.26 25.77
N TYR B 105 -16.14 -19.12 24.89
CA TYR B 105 -16.89 -20.12 24.09
C TYR B 105 -16.59 -21.52 24.62
N ASP B 106 -17.63 -22.28 24.97
CA ASP B 106 -17.50 -23.69 25.42
C ASP B 106 -17.60 -24.58 24.18
N THR B 107 -16.47 -25.20 23.79
CA THR B 107 -16.32 -26.00 22.54
C THR B 107 -17.02 -27.36 22.69
N GLU B 108 -17.28 -27.81 23.92
CA GLU B 108 -18.00 -29.09 24.24
C GLU B 108 -19.51 -28.86 24.21
N ALA B 109 -19.99 -27.77 24.81
CA ALA B 109 -21.43 -27.39 24.85
C ALA B 109 -21.81 -26.69 23.55
N LYS B 110 -20.81 -26.13 22.85
CA LYS B 110 -20.99 -25.46 21.53
C LYS B 110 -21.87 -24.22 21.72
N LYS B 111 -21.58 -23.39 22.74
CA LYS B 111 -22.30 -22.13 23.06
C LYS B 111 -21.35 -21.13 23.72
N ASN B 112 -21.63 -19.83 23.56
CA ASN B 112 -20.95 -18.73 24.28
C ASN B 112 -21.45 -18.71 25.72
N LEU B 113 -20.53 -18.68 26.69
CA LEU B 113 -20.84 -18.56 28.15
C LEU B 113 -20.87 -17.10 28.54
N CYS B 114 -20.04 -16.29 27.88
CA CYS B 114 -19.73 -14.93 28.26
C CYS B 114 -19.46 -14.06 27.05
N GLU B 115 -19.91 -12.80 27.13
CA GLU B 115 -19.39 -11.75 26.29
C GLU B 115 -19.18 -10.53 27.18
N ILE B 116 -17.98 -9.96 27.15
CA ILE B 116 -17.63 -8.77 27.99
C ILE B 116 -17.10 -7.67 27.07
N ASN B 117 -17.48 -6.43 27.34
CA ASN B 117 -17.10 -5.22 26.54
C ASN B 117 -15.90 -4.55 27.20
N ILE B 118 -14.85 -4.27 26.43
CA ILE B 118 -13.67 -3.45 26.85
C ILE B 118 -14.08 -1.97 26.76
N ASN B 119 -13.67 -1.17 27.75
CA ASN B 119 -14.02 0.29 27.88
C ASN B 119 -13.16 1.11 26.91
N ASP B 120 -13.54 2.36 26.68
CA ASP B 120 -13.09 3.20 25.53
C ASP B 120 -13.62 2.57 24.24
N ASN B 121 -13.28 3.19 23.10
CA ASN B 121 -13.24 2.49 21.80
C ASN B 121 -11.76 2.27 21.46
N MET B 122 -11.23 1.22 22.08
CA MET B 122 -10.11 0.41 21.57
C MET B 122 -10.69 -0.94 21.20
N PRO B 123 -11.34 -1.02 20.03
CA PRO B 123 -12.17 -2.17 19.67
C PRO B 123 -11.35 -3.41 19.28
N ARG B 124 -10.08 -3.22 18.89
CA ARG B 124 -9.23 -4.30 18.34
C ARG B 124 -8.62 -5.11 19.49
N ILE B 125 -9.16 -6.31 19.75
CA ILE B 125 -8.56 -7.26 20.73
C ILE B 125 -7.50 -8.08 20.00
N LEU B 126 -6.24 -7.64 20.07
CA LEU B 126 -5.12 -8.08 19.21
C LEU B 126 -4.45 -9.31 19.82
N SER B 127 -4.46 -9.45 21.14
CA SER B 127 -3.76 -10.56 21.84
C SER B 127 -4.55 -11.01 23.06
N LEU B 128 -4.58 -12.33 23.30
CA LEU B 128 -5.10 -12.96 24.54
C LEU B 128 -4.06 -13.96 25.04
N ALA B 129 -3.81 -14.00 26.34
CA ALA B 129 -2.94 -15.01 26.97
C ALA B 129 -3.54 -15.45 28.30
N CYS B 130 -3.73 -16.76 28.47
CA CYS B 130 -4.19 -17.37 29.73
C CYS B 130 -3.00 -17.74 30.59
N SER B 131 -3.00 -17.34 31.86
CA SER B 131 -1.97 -17.74 32.84
C SER B 131 -1.98 -19.26 32.96
N PRO B 132 -0.79 -19.91 33.06
CA PRO B 132 -0.70 -21.36 33.26
C PRO B 132 -1.53 -21.92 34.42
N ASN B 133 -1.69 -21.17 35.52
CA ASN B 133 -2.37 -21.64 36.75
C ASN B 133 -3.89 -21.51 36.63
N GLY B 134 -4.39 -21.00 35.49
CA GLY B 134 -5.83 -20.96 35.16
C GLY B 134 -6.59 -19.83 35.86
N ALA B 135 -5.91 -18.97 36.62
CA ALA B 135 -6.55 -17.96 37.50
C ALA B 135 -6.80 -16.64 36.76
N SER B 136 -6.11 -16.37 35.66
CA SER B 136 -6.17 -15.02 35.01
C SER B 136 -5.92 -15.12 33.52
N PHE B 137 -6.26 -14.08 32.79
CA PHE B 137 -5.84 -13.88 31.39
C PHE B 137 -5.55 -12.40 31.14
N VAL B 138 -4.74 -12.12 30.15
CA VAL B 138 -4.43 -10.73 29.73
C VAL B 138 -4.97 -10.58 28.32
N CYS B 139 -5.49 -9.41 28.01
CA CYS B 139 -5.78 -9.07 26.61
C CYS B 139 -5.23 -7.70 26.29
N SER B 140 -4.76 -7.52 25.07
CA SER B 140 -4.42 -6.20 24.52
C SER B 140 -5.61 -5.70 23.71
N ALA B 141 -5.98 -4.45 23.92
CA ALA B 141 -7.07 -3.74 23.22
C ALA B 141 -6.48 -2.46 22.63
N ALA B 142 -6.55 -2.32 21.32
CA ALA B 142 -5.89 -1.21 20.59
C ALA B 142 -6.93 -0.37 19.86
N ALA B 143 -6.64 0.92 19.68
CA ALA B 143 -7.42 1.86 18.87
C ALA B 143 -7.41 1.40 17.40
N PRO B 144 -8.33 1.91 16.56
CA PRO B 144 -8.31 1.59 15.13
C PRO B 144 -6.93 1.89 14.51
N SER B 145 -6.45 1.02 13.65
CA SER B 145 -5.17 1.15 12.92
C SER B 145 -5.26 2.36 11.97
N LEU B 146 -4.24 3.22 11.97
CA LEU B 146 -4.15 4.46 11.16
C LEU B 146 -2.67 4.82 10.98
N THR B 147 -1.93 4.85 12.09
CA THR B 147 -0.44 4.82 12.15
C THR B 147 -0.04 3.66 13.05
N SER B 148 1.24 3.27 13.02
CA SER B 148 1.83 2.19 13.86
C SER B 148 1.94 2.65 15.32
N GLN B 149 1.56 3.89 15.61
CA GLN B 149 1.68 4.53 16.95
C GLN B 149 0.28 4.84 17.49
N VAL B 150 -0.74 4.12 17.03
CA VAL B 150 -2.11 4.18 17.64
C VAL B 150 -2.03 3.68 19.09
N PRO B 151 -2.71 4.37 20.02
CA PRO B 151 -2.81 3.94 21.41
C PRO B 151 -3.32 2.50 21.60
N GLY B 152 -2.87 1.83 22.66
CA GLY B 152 -3.36 0.52 23.09
C GLY B 152 -3.25 0.36 24.59
N ARG B 153 -3.97 -0.63 25.13
CA ARG B 153 -3.98 -0.95 26.58
C ARG B 153 -3.67 -2.41 26.77
N LEU B 154 -3.19 -2.76 27.94
CA LEU B 154 -2.95 -4.16 28.36
C LEU B 154 -3.74 -4.43 29.65
N LEU B 155 -4.73 -5.34 29.58
CA LEU B 155 -5.76 -5.60 30.62
C LEU B 155 -5.47 -6.94 31.28
N LEU B 156 -5.64 -7.01 32.61
CA LEU B 156 -5.54 -8.25 33.41
C LEU B 156 -6.94 -8.59 33.92
N TRP B 157 -7.40 -9.81 33.64
CA TRP B 157 -8.76 -10.33 33.96
C TRP B 157 -8.63 -11.50 34.94
N ASP B 158 -9.63 -11.65 35.80
CA ASP B 158 -9.74 -12.75 36.79
C ASP B 158 -10.72 -13.78 36.21
N THR B 159 -10.30 -15.03 36.06
CA THR B 159 -11.12 -16.11 35.44
C THR B 159 -12.30 -16.45 36.38
N LYS B 160 -12.08 -16.45 37.70
CA LYS B 160 -13.08 -16.88 38.71
C LYS B 160 -14.33 -15.99 38.61
N THR B 161 -14.17 -14.67 38.41
CA THR B 161 -15.28 -13.68 38.34
C THR B 161 -15.54 -13.22 36.91
N MET B 162 -14.62 -13.48 35.99
CA MET B 162 -14.60 -12.90 34.61
C MET B 162 -14.73 -11.37 34.70
N LYS B 163 -14.05 -10.76 35.67
CA LYS B 163 -14.02 -9.29 35.85
C LYS B 163 -12.58 -8.80 35.65
N GLN B 164 -12.45 -7.62 35.05
CA GLN B 164 -11.17 -6.92 34.87
C GLN B 164 -10.62 -6.59 36.26
N GLN B 165 -9.34 -6.85 36.54
CA GLN B 165 -8.69 -6.49 37.81
C GLN B 165 -7.97 -5.16 37.65
N LEU B 166 -7.16 -5.01 36.62
CA LEU B 166 -6.34 -3.79 36.42
C LEU B 166 -5.91 -3.66 34.96
N GLN B 167 -5.43 -2.47 34.59
N GLN B 167 -5.43 -2.47 34.60
CA GLN B 167 -4.76 -2.19 33.30
CA GLN B 167 -4.76 -2.15 33.32
C GLN B 167 -3.33 -1.76 33.60
C GLN B 167 -3.31 -1.76 33.62
N PHE B 168 -2.34 -2.35 32.92
CA PHE B 168 -0.91 -1.99 33.03
C PHE B 168 -0.65 -0.70 32.27
N SER B 169 0.04 0.26 32.90
CA SER B 169 0.59 1.46 32.23
C SER B 169 1.69 1.04 31.26
N LEU B 170 1.68 1.61 30.06
CA LEU B 170 2.68 1.33 29.00
C LEU B 170 3.52 2.61 28.81
N ASP B 171 4.83 2.50 28.98
CA ASP B 171 5.78 3.64 28.84
C ASP B 171 6.48 3.52 27.49
N PRO B 172 6.77 4.63 26.79
CA PRO B 172 6.46 5.97 27.28
C PRO B 172 5.04 6.43 26.95
N GLU B 173 4.35 5.72 26.06
CA GLU B 173 3.00 6.10 25.55
C GLU B 173 2.13 4.84 25.47
N PRO B 174 0.80 4.97 25.62
CA PRO B 174 -0.11 3.89 25.25
C PRO B 174 0.19 3.40 23.83
N ILE B 175 0.14 2.10 23.59
CA ILE B 175 0.60 1.51 22.30
C ILE B 175 -0.05 0.14 22.15
N ALA B 176 -0.36 -0.24 20.91
CA ALA B 176 -0.94 -1.56 20.57
C ALA B 176 0.06 -2.66 20.91
N ILE B 177 -0.33 -3.60 21.76
CA ILE B 177 0.43 -4.83 22.04
C ILE B 177 -0.05 -5.90 21.05
N ASN B 178 0.87 -6.42 20.22
CA ASN B 178 0.56 -7.37 19.14
C ASN B 178 0.59 -8.80 19.68
N CYS B 179 1.43 -9.08 20.68
CA CYS B 179 1.74 -10.47 21.08
C CYS B 179 2.11 -10.51 22.56
N THR B 180 1.75 -11.61 23.21
CA THR B 180 1.90 -11.86 24.67
C THR B 180 2.26 -13.32 24.86
N ALA B 181 3.11 -13.60 25.83
CA ALA B 181 3.43 -14.98 26.26
C ALA B 181 3.78 -14.97 27.75
N PHE B 182 3.22 -15.91 28.50
CA PHE B 182 3.58 -16.19 29.90
C PHE B 182 4.80 -17.10 29.91
N ASN B 183 5.64 -16.99 30.93
CA ASN B 183 6.64 -18.03 31.28
C ASN B 183 5.89 -19.23 31.90
N HIS B 184 6.61 -20.27 32.30
CA HIS B 184 6.05 -21.60 32.66
C HIS B 184 5.17 -21.51 33.92
N ASN B 185 5.57 -20.77 34.95
CA ASN B 185 4.77 -20.67 36.21
C ASN B 185 3.86 -19.43 36.15
N GLY B 186 4.10 -18.51 35.22
CA GLY B 186 3.18 -17.39 34.92
C GLY B 186 3.48 -16.13 35.72
N ASN B 187 4.63 -16.03 36.39
CA ASN B 187 5.02 -14.80 37.14
C ASN B 187 5.58 -13.74 36.18
N LEU B 188 5.90 -14.12 34.94
CA LEU B 188 6.41 -13.18 33.91
C LEU B 188 5.53 -13.29 32.65
N LEU B 189 5.25 -12.13 32.06
CA LEU B 189 4.55 -11.98 30.77
C LEU B 189 5.46 -11.14 29.89
N VAL B 190 5.83 -11.67 28.74
CA VAL B 190 6.62 -10.92 27.72
C VAL B 190 5.63 -10.47 26.64
N THR B 191 5.81 -9.24 26.18
CA THR B 191 4.93 -8.56 25.20
C THR B 191 5.77 -7.95 24.08
N GLY B 192 5.20 -7.89 22.88
CA GLY B 192 5.73 -7.14 21.74
C GLY B 192 4.72 -6.13 21.24
N ALA B 193 5.17 -4.91 20.93
CA ALA B 193 4.30 -3.78 20.59
C ALA B 193 4.58 -3.25 19.18
N ALA B 194 3.66 -2.43 18.69
CA ALA B 194 3.69 -1.79 17.35
C ALA B 194 4.82 -0.76 17.27
N ASP B 195 5.40 -0.36 18.42
CA ASP B 195 6.51 0.63 18.48
C ASP B 195 7.85 -0.12 18.50
N GLY B 196 7.82 -1.45 18.36
CA GLY B 196 9.03 -2.28 18.25
C GLY B 196 9.66 -2.57 19.59
N VAL B 197 9.00 -2.19 20.69
CA VAL B 197 9.50 -2.38 22.07
C VAL B 197 8.99 -3.72 22.61
N ILE B 198 9.84 -4.45 23.31
CA ILE B 198 9.47 -5.63 24.11
C ILE B 198 9.36 -5.16 25.54
N ARG B 199 8.25 -5.50 26.19
CA ARG B 199 8.01 -5.19 27.63
C ARG B 199 7.79 -6.51 28.34
N LEU B 200 8.54 -6.72 29.41
CA LEU B 200 8.47 -7.87 30.32
C LEU B 200 7.80 -7.43 31.61
N PHE B 201 6.65 -8.00 31.93
CA PHE B 201 5.86 -7.66 33.14
C PHE B 201 6.08 -8.72 34.21
N ASP B 202 6.34 -8.24 35.41
CA ASP B 202 6.25 -9.00 36.67
C ASP B 202 4.77 -9.05 37.06
N MET B 203 4.17 -10.25 37.06
CA MET B 203 2.70 -10.45 37.18
C MET B 203 2.31 -10.68 38.65
N GLN B 204 3.28 -10.56 39.56
CA GLN B 204 3.06 -10.58 41.04
C GLN B 204 3.00 -9.13 41.54
N GLN B 205 3.95 -8.28 41.14
CA GLN B 205 4.03 -6.85 41.52
C GLN B 205 3.19 -6.02 40.55
N HIS B 206 2.86 -6.56 39.39
CA HIS B 206 2.08 -5.90 38.30
C HIS B 206 2.81 -4.65 37.85
N GLU B 207 4.02 -4.81 37.33
CA GLU B 207 4.80 -3.69 36.77
C GLU B 207 5.76 -4.21 35.71
N CYS B 208 6.28 -3.29 34.90
CA CYS B 208 7.29 -3.55 33.86
C CYS B 208 8.64 -3.76 34.53
N ALA B 209 9.15 -4.99 34.55
CA ALA B 209 10.50 -5.31 35.09
C ALA B 209 11.57 -4.81 34.13
N MET B 210 11.31 -4.87 32.82
CA MET B 210 12.34 -4.73 31.75
C MET B 210 11.66 -4.28 30.45
N SER B 211 12.29 -3.40 29.70
CA SER B 211 11.83 -3.08 28.33
C SER B 211 13.00 -2.59 27.49
N TRP B 212 12.94 -2.84 26.18
CA TRP B 212 14.01 -2.42 25.24
C TRP B 212 13.43 -2.35 23.84
N ARG B 213 14.05 -1.53 23.00
CA ARG B 213 13.77 -1.47 21.54
C ARG B 213 14.29 -2.76 20.90
N ALA B 214 13.40 -3.59 20.36
CA ALA B 214 13.74 -4.95 19.88
C ALA B 214 13.83 -4.94 18.35
N HIS B 215 12.91 -4.25 17.70
CA HIS B 215 12.75 -4.25 16.23
C HIS B 215 12.53 -2.83 15.72
N TYR B 216 13.01 -2.55 14.52
CA TYR B 216 12.55 -1.44 13.65
C TYR B 216 11.24 -1.90 12.98
N GLY B 217 10.15 -1.20 13.28
CA GLY B 217 8.80 -1.64 12.94
C GLY B 217 8.24 -2.52 14.05
N GLU B 218 7.13 -3.20 13.77
CA GLU B 218 6.29 -3.87 14.77
C GLU B 218 6.96 -5.16 15.21
N VAL B 219 6.79 -5.52 16.48
CA VAL B 219 7.05 -6.90 16.98
C VAL B 219 5.81 -7.73 16.69
N TYR B 220 5.98 -8.95 16.18
CA TYR B 220 4.88 -9.85 15.72
C TYR B 220 4.69 -11.03 16.67
N SER B 221 5.75 -11.67 17.13
CA SER B 221 5.68 -12.79 18.11
C SER B 221 6.83 -12.69 19.09
N VAL B 222 6.59 -13.20 20.29
CA VAL B 222 7.55 -13.28 21.41
C VAL B 222 7.32 -14.63 22.08
N GLU B 223 8.38 -15.23 22.64
CA GLU B 223 8.30 -16.46 23.44
C GLU B 223 9.47 -16.49 24.42
N PHE B 224 9.27 -17.11 25.56
CA PHE B 224 10.36 -17.52 26.48
C PHE B 224 11.06 -18.76 25.90
N SER B 225 12.37 -18.84 26.04
CA SER B 225 13.14 -20.07 25.78
C SER B 225 12.72 -21.13 26.80
N TYR B 226 12.98 -22.40 26.50
CA TYR B 226 12.67 -23.55 27.39
C TYR B 226 13.28 -23.30 28.77
N ASP B 227 14.55 -22.88 28.81
CA ASP B 227 15.32 -22.64 30.07
C ASP B 227 14.95 -21.27 30.64
N GLU B 228 14.32 -20.39 29.86
CA GLU B 228 13.74 -19.08 30.30
C GLU B 228 14.87 -18.10 30.66
N ASN B 229 16.10 -18.35 30.19
CA ASN B 229 17.22 -17.39 30.28
C ASN B 229 17.13 -16.38 29.13
N THR B 230 16.36 -16.65 28.10
CA THR B 230 16.23 -15.76 26.92
C THR B 230 14.77 -15.65 26.50
N VAL B 231 14.46 -14.58 25.75
CA VAL B 231 13.21 -14.48 24.99
C VAL B 231 13.57 -14.32 23.51
N TYR B 232 12.79 -14.97 22.67
CA TYR B 232 12.91 -14.93 21.21
C TYR B 232 11.87 -13.94 20.68
N SER B 233 12.22 -13.16 19.67
CA SER B 233 11.27 -12.23 19.01
C SER B 233 11.45 -12.29 17.51
N ILE B 234 10.38 -11.96 16.80
CA ILE B 234 10.35 -11.78 15.34
C ILE B 234 9.51 -10.55 15.06
N GLY B 235 9.96 -9.70 14.13
CA GLY B 235 9.36 -8.40 13.86
C GLY B 235 9.43 -8.00 12.39
N GLU B 236 8.99 -6.79 12.11
CA GLU B 236 8.70 -6.28 10.76
C GLU B 236 10.00 -6.09 9.99
N ASP B 237 11.14 -5.92 10.68
CA ASP B 237 12.47 -5.72 10.06
C ASP B 237 13.03 -7.06 9.53
N GLY B 238 12.32 -8.16 9.74
CA GLY B 238 12.65 -9.49 9.19
C GLY B 238 13.60 -10.27 10.09
N LYS B 239 13.92 -9.72 11.27
CA LYS B 239 14.96 -10.26 12.17
C LYS B 239 14.30 -11.25 13.14
N PHE B 240 14.94 -12.38 13.33
CA PHE B 240 14.69 -13.30 14.47
C PHE B 240 15.80 -13.06 15.50
N ILE B 241 15.43 -12.67 16.72
CA ILE B 241 16.42 -12.26 17.76
C ILE B 241 16.18 -13.05 19.04
N GLN B 242 17.26 -13.47 19.67
CA GLN B 242 17.26 -14.07 21.02
C GLN B 242 17.86 -13.05 21.98
N TRP B 243 17.14 -12.70 23.03
CA TRP B 243 17.50 -11.62 23.99
C TRP B 243 17.88 -12.24 25.33
N ASN B 244 18.94 -11.73 25.94
CA ASN B 244 19.33 -12.05 27.35
C ASN B 244 18.28 -11.45 28.29
N ILE B 245 17.53 -12.29 29.01
CA ILE B 245 16.42 -11.86 29.90
C ILE B 245 16.99 -11.23 31.19
N HIS B 246 18.30 -11.35 31.44
CA HIS B 246 18.98 -10.84 32.67
C HIS B 246 19.69 -9.49 32.41
N LYS B 247 19.76 -9.03 31.16
CA LYS B 247 20.47 -7.80 30.75
C LYS B 247 19.73 -7.12 29.60
N SER B 248 18.99 -6.04 29.90
CA SER B 248 17.96 -5.42 29.02
C SER B 248 18.58 -5.03 27.67
N GLY B 249 18.03 -5.57 26.58
CA GLY B 249 18.39 -5.20 25.21
C GLY B 249 19.69 -5.85 24.75
N LEU B 250 20.25 -6.76 25.55
CA LEU B 250 21.49 -7.51 25.18
C LEU B 250 21.10 -8.72 24.32
N LYS B 251 21.59 -8.79 23.09
CA LYS B 251 21.28 -9.89 22.14
C LYS B 251 22.18 -11.09 22.43
N VAL B 252 21.63 -12.29 22.41
CA VAL B 252 22.42 -13.54 22.43
C VAL B 252 22.80 -13.88 20.98
N SER B 253 21.81 -13.92 20.11
CA SER B 253 21.97 -14.21 18.66
C SER B 253 20.89 -13.46 17.89
N GLU B 254 21.11 -13.25 16.60
CA GLU B 254 20.13 -12.64 15.70
C GLU B 254 20.38 -13.13 14.28
N TYR B 255 19.30 -13.29 13.51
CA TYR B 255 19.36 -13.75 12.11
C TYR B 255 18.37 -12.95 11.29
N SER B 256 18.72 -12.66 10.04
CA SER B 256 17.79 -12.20 8.99
C SER B 256 17.11 -13.43 8.39
N LEU B 257 15.85 -13.66 8.72
CA LEU B 257 15.03 -14.74 8.10
C LEU B 257 14.73 -14.36 6.66
N PRO B 258 14.47 -15.33 5.77
CA PRO B 258 13.98 -15.01 4.44
C PRO B 258 12.70 -14.18 4.62
N SER B 259 12.40 -13.32 3.66
CA SER B 259 11.31 -12.32 3.76
C SER B 259 9.95 -13.03 3.88
N ASP B 260 9.78 -14.22 3.29
CA ASP B 260 8.49 -14.97 3.31
C ASP B 260 8.21 -15.56 4.71
N ALA B 261 9.12 -15.40 5.68
CA ALA B 261 8.89 -15.75 7.10
C ALA B 261 8.07 -14.68 7.80
N THR B 262 8.17 -13.41 7.37
CA THR B 262 7.57 -12.25 8.08
C THR B 262 6.62 -11.45 7.18
N GLY B 263 6.60 -11.73 5.87
CA GLY B 263 5.66 -11.10 4.93
C GLY B 263 6.05 -9.65 4.63
N PRO B 264 5.12 -8.81 4.14
CA PRO B 264 3.69 -9.17 4.09
C PRO B 264 3.40 -10.37 3.18
N PHE B 265 2.40 -11.16 3.51
CA PHE B 265 2.04 -12.39 2.78
C PHE B 265 1.04 -12.05 1.69
N VAL B 266 1.35 -12.39 0.44
CA VAL B 266 0.62 -11.95 -0.78
C VAL B 266 0.13 -13.19 -1.53
N LEU B 267 -1.16 -13.27 -1.83
CA LEU B 267 -1.73 -14.25 -2.79
C LEU B 267 -2.33 -13.48 -3.98
N SER B 268 -1.76 -13.66 -5.18
CA SER B 268 -2.14 -12.99 -6.44
C SER B 268 -3.04 -13.88 -7.29
N GLY B 269 -3.87 -13.28 -8.14
CA GLY B 269 -4.53 -13.91 -9.30
C GLY B 269 -3.98 -13.35 -10.60
N TYR B 270 -4.66 -13.60 -11.71
CA TYR B 270 -4.33 -13.08 -13.06
C TYR B 270 -5.13 -11.79 -13.30
N SER B 271 -5.79 -11.30 -12.25
CA SER B 271 -6.97 -10.39 -12.31
C SER B 271 -6.56 -8.95 -12.04
N GLY B 272 -5.30 -8.71 -11.65
CA GLY B 272 -4.88 -7.49 -10.93
C GLY B 272 -5.19 -7.60 -9.44
N TYR B 273 -6.15 -8.47 -9.08
CA TYR B 273 -6.65 -8.66 -7.70
C TYR B 273 -5.62 -9.47 -6.90
N LYS B 274 -5.26 -9.01 -5.70
CA LYS B 274 -4.45 -9.81 -4.74
C LYS B 274 -4.93 -9.60 -3.30
N GLN B 275 -4.64 -10.57 -2.45
CA GLN B 275 -4.85 -10.51 -0.99
C GLN B 275 -3.49 -10.33 -0.32
N VAL B 276 -3.44 -9.45 0.69
CA VAL B 276 -2.22 -9.13 1.48
C VAL B 276 -2.58 -9.29 2.96
N GLN B 277 -1.83 -10.13 3.69
CA GLN B 277 -1.96 -10.35 5.15
C GLN B 277 -0.66 -9.88 5.79
N VAL B 278 -0.71 -8.90 6.69
CA VAL B 278 0.43 -8.60 7.59
C VAL B 278 0.32 -9.55 8.77
N PRO B 279 1.45 -10.01 9.34
CA PRO B 279 1.41 -10.97 10.44
C PRO B 279 0.44 -10.55 11.56
N ARG B 280 -0.33 -11.51 12.05
CA ARG B 280 -1.36 -11.32 13.09
C ARG B 280 -1.30 -12.53 14.03
N GLY B 281 -1.36 -13.74 13.49
CA GLY B 281 -1.13 -14.99 14.21
C GLY B 281 0.35 -15.26 14.45
N ARG B 282 0.65 -16.27 15.25
N ARG B 282 0.64 -16.25 15.30
CA ARG B 282 2.02 -16.65 15.67
CA ARG B 282 1.99 -16.76 15.65
C ARG B 282 2.87 -17.03 14.44
C ARG B 282 2.83 -16.99 14.37
N LEU B 283 4.03 -16.39 14.31
CA LEU B 283 4.96 -16.56 13.15
C LEU B 283 5.98 -17.65 13.46
N PHE B 284 6.14 -18.06 14.72
CA PHE B 284 7.09 -19.12 15.07
C PHE B 284 6.48 -20.03 16.14
N ALA B 285 6.97 -21.26 16.21
CA ALA B 285 6.54 -22.28 17.19
C ALA B 285 7.74 -23.18 17.48
N PHE B 286 7.70 -23.91 18.58
CA PHE B 286 8.86 -24.66 19.13
C PHE B 286 8.49 -26.10 19.46
N ASP B 287 9.45 -27.01 19.36
CA ASP B 287 9.33 -28.40 19.87
C ASP B 287 9.34 -28.35 21.40
N SER B 288 9.01 -29.46 22.06
CA SER B 288 8.65 -29.48 23.50
C SER B 288 9.83 -28.99 24.36
N GLU B 289 11.06 -29.21 23.89
CA GLU B 289 12.31 -28.86 24.62
C GLU B 289 12.89 -27.53 24.11
N GLY B 290 12.28 -26.92 23.08
CA GLY B 290 12.77 -25.66 22.48
C GLY B 290 14.15 -25.78 21.87
N ASN B 291 14.45 -26.89 21.19
CA ASN B 291 15.70 -27.11 20.43
C ASN B 291 15.49 -26.74 18.96
N TYR B 292 14.23 -26.71 18.51
CA TYR B 292 13.86 -26.50 17.08
C TYR B 292 12.73 -25.49 17.01
N MET B 293 12.69 -24.75 15.90
CA MET B 293 11.71 -23.67 15.66
C MET B 293 11.12 -23.83 14.26
N LEU B 294 9.80 -23.83 14.19
CA LEU B 294 8.97 -23.87 12.96
C LEU B 294 8.66 -22.43 12.55
N THR B 295 8.82 -22.11 11.26
CA THR B 295 8.56 -20.77 10.68
C THR B 295 7.78 -20.91 9.38
N CYS B 296 7.23 -19.80 8.90
CA CYS B 296 6.44 -19.70 7.64
C CYS B 296 7.39 -19.66 6.44
N SER B 297 6.94 -20.14 5.28
CA SER B 297 7.54 -19.85 3.95
C SER B 297 6.45 -19.93 2.89
N ALA B 298 6.76 -19.56 1.65
CA ALA B 298 5.81 -19.56 0.52
C ALA B 298 5.19 -20.96 0.33
N THR B 299 5.94 -22.04 0.58
CA THR B 299 5.56 -23.42 0.14
C THR B 299 5.39 -24.37 1.35
N GLY B 300 5.54 -23.88 2.58
CA GLY B 300 5.22 -24.66 3.79
C GLY B 300 6.11 -24.29 4.97
N GLY B 301 5.99 -25.05 6.05
CA GLY B 301 6.78 -24.84 7.28
C GLY B 301 8.24 -25.13 7.01
N VAL B 302 9.13 -24.28 7.55
CA VAL B 302 10.61 -24.49 7.54
C VAL B 302 11.06 -24.53 9.00
N ILE B 303 11.77 -25.60 9.38
CA ILE B 303 12.25 -25.84 10.78
C ILE B 303 13.77 -25.60 10.84
N TYR B 304 14.19 -24.85 11.86
CA TYR B 304 15.61 -24.55 12.18
C TYR B 304 15.98 -25.18 13.52
N LYS B 305 17.22 -25.59 13.66
CA LYS B 305 17.87 -25.95 14.94
C LYS B 305 18.36 -24.66 15.60
N LEU B 306 18.11 -24.48 16.89
CA LEU B 306 18.47 -23.25 17.66
C LEU B 306 19.85 -23.42 18.32
N GLY B 307 20.91 -22.88 17.70
CA GLY B 307 22.27 -22.79 18.27
C GLY B 307 23.22 -23.81 17.67
N GLU B 310 26.21 -21.02 13.99
CA GLU B 310 26.48 -20.59 12.59
C GLU B 310 25.86 -19.21 12.36
N LYS B 311 26.64 -18.27 11.80
CA LYS B 311 26.22 -16.88 11.47
C LYS B 311 24.90 -16.95 10.66
N VAL B 312 24.87 -17.75 9.59
CA VAL B 312 23.62 -18.16 8.88
C VAL B 312 22.95 -19.27 9.69
N LEU B 313 21.60 -19.27 9.77
CA LEU B 313 20.82 -20.25 10.58
C LEU B 313 20.54 -21.50 9.74
N GLU B 314 20.59 -22.67 10.37
CA GLU B 314 20.67 -24.00 9.70
C GLU B 314 19.26 -24.58 9.55
N SER B 315 18.63 -24.35 8.39
CA SER B 315 17.35 -24.97 7.97
C SER B 315 17.57 -26.48 7.80
N CYS B 316 16.94 -27.31 8.63
CA CYS B 316 17.20 -28.78 8.68
C CYS B 316 15.96 -29.59 8.29
N LEU B 317 14.78 -28.97 8.14
CA LEU B 317 13.59 -29.68 7.62
C LEU B 317 12.61 -28.68 6.99
N SER B 318 12.15 -28.97 5.76
CA SER B 318 11.05 -28.25 5.06
C SER B 318 9.82 -29.17 4.96
N LEU B 319 8.67 -28.74 5.48
CA LEU B 319 7.48 -29.62 5.57
C LEU B 319 6.71 -29.61 4.25
N GLY B 320 6.89 -28.58 3.41
CA GLY B 320 6.25 -28.48 2.07
C GLY B 320 4.72 -28.57 2.16
N GLY B 321 4.06 -28.77 1.02
CA GLY B 321 2.64 -29.19 0.94
C GLY B 321 1.68 -28.01 0.73
N HIS B 322 2.19 -26.79 0.53
CA HIS B 322 1.36 -25.57 0.39
C HIS B 322 1.55 -24.96 -1.00
N ARG B 323 0.44 -24.55 -1.63
CA ARG B 323 0.40 -23.88 -2.95
C ARG B 323 0.03 -22.39 -2.78
N ALA B 324 -0.03 -21.92 -1.54
CA ALA B 324 -0.23 -20.49 -1.18
C ALA B 324 0.61 -20.20 0.05
N PRO B 325 1.00 -18.94 0.31
CA PRO B 325 1.86 -18.64 1.44
C PRO B 325 1.31 -19.11 2.79
N VAL B 326 2.18 -19.71 3.60
CA VAL B 326 1.96 -19.99 5.05
C VAL B 326 2.07 -18.69 5.81
N VAL B 327 1.08 -18.40 6.65
CA VAL B 327 0.97 -17.10 7.38
C VAL B 327 0.97 -17.33 8.89
N THR B 328 0.78 -18.56 9.36
CA THR B 328 0.80 -18.86 10.82
C THR B 328 1.07 -20.35 11.03
N VAL B 329 1.69 -20.69 12.16
CA VAL B 329 2.19 -22.06 12.48
C VAL B 329 1.85 -22.38 13.95
N ASP B 330 1.76 -23.65 14.28
CA ASP B 330 1.79 -24.12 15.67
C ASP B 330 2.60 -25.41 15.70
N TRP B 331 3.09 -25.77 16.87
CA TRP B 331 3.80 -27.03 17.13
C TRP B 331 3.38 -27.55 18.50
N SER B 332 2.77 -28.72 18.56
CA SER B 332 2.27 -29.35 19.80
C SER B 332 2.88 -30.74 19.94
N THR B 333 3.13 -31.18 21.16
CA THR B 333 3.65 -32.55 21.49
C THR B 333 2.73 -33.20 22.51
N ALA B 334 2.29 -34.43 22.23
CA ALA B 334 1.48 -35.29 23.13
C ALA B 334 1.71 -36.74 22.76
N MET B 335 1.80 -37.63 23.76
CA MET B 335 2.06 -39.09 23.58
C MET B 335 3.39 -39.28 22.85
N ASP B 336 4.41 -38.49 23.19
CA ASP B 336 5.79 -38.59 22.64
C ASP B 336 5.76 -38.41 21.11
N CYS B 337 4.81 -37.65 20.59
CA CYS B 337 4.59 -37.46 19.13
C CYS B 337 4.22 -36.00 18.86
N GLY B 338 4.94 -35.35 17.95
CA GLY B 338 4.82 -33.92 17.67
C GLY B 338 3.88 -33.68 16.51
N THR B 339 3.11 -32.59 16.56
CA THR B 339 2.21 -32.16 15.47
C THR B 339 2.53 -30.71 15.10
N CYS B 340 2.89 -30.47 13.85
CA CYS B 340 3.09 -29.12 13.25
C CYS B 340 1.86 -28.73 12.44
N LEU B 341 1.29 -27.56 12.74
CA LEU B 341 0.27 -26.90 11.88
C LEU B 341 0.98 -25.85 11.03
N THR B 342 0.70 -25.87 9.72
CA THR B 342 1.05 -24.80 8.76
C THR B 342 -0.25 -24.38 8.07
N ALA B 343 -0.61 -23.09 8.14
CA ALA B 343 -1.89 -22.53 7.63
C ALA B 343 -1.60 -21.49 6.57
N SER B 344 -2.26 -21.58 5.42
CA SER B 344 -1.92 -20.76 4.23
C SER B 344 -3.12 -19.89 3.81
N MET B 345 -2.87 -18.98 2.86
CA MET B 345 -3.80 -17.90 2.46
C MET B 345 -4.95 -18.47 1.62
N ASP B 346 -4.84 -19.71 1.17
CA ASP B 346 -5.93 -20.42 0.47
C ASP B 346 -6.88 -21.09 1.49
N GLY B 347 -6.58 -20.98 2.78
CA GLY B 347 -7.45 -21.53 3.84
C GLY B 347 -7.09 -22.96 4.24
N LYS B 348 -6.09 -23.56 3.59
CA LYS B 348 -5.65 -24.95 3.84
C LYS B 348 -4.77 -24.99 5.11
N ILE B 349 -4.99 -25.98 5.97
CA ILE B 349 -4.14 -26.23 7.15
C ILE B 349 -3.53 -27.62 7.00
N LYS B 350 -2.20 -27.67 6.84
CA LYS B 350 -1.43 -28.94 6.76
C LYS B 350 -0.98 -29.32 8.18
N LEU B 351 -1.29 -30.55 8.57
CA LEU B 351 -0.96 -31.11 9.89
C LEU B 351 0.08 -32.21 9.67
N THR B 352 1.34 -31.92 9.98
CA THR B 352 2.50 -32.85 9.82
C THR B 352 2.77 -33.52 11.17
N THR B 353 2.82 -34.85 11.19
CA THR B 353 3.15 -35.66 12.39
C THR B 353 4.65 -35.95 12.36
N LEU B 354 5.37 -35.53 13.41
CA LEU B 354 6.83 -35.74 13.60
C LEU B 354 7.05 -36.56 14.88
N LEU B 355 7.86 -37.61 14.80
CA LEU B 355 8.44 -38.31 15.98
C LEU B 355 9.94 -37.97 16.08
N ALA B 356 10.42 -37.68 17.31
CA ALA B 356 11.85 -37.59 17.70
C ALA B 356 12.76 -38.10 16.58
N PRO C 22 0.55 38.19 13.28
CA PRO C 22 0.50 37.83 11.85
C PRO C 22 -0.52 36.72 11.54
N PHE C 23 -0.33 35.54 12.15
CA PHE C 23 -1.10 34.29 11.85
C PHE C 23 -2.04 33.98 13.02
N ILE C 24 -3.01 33.07 12.78
CA ILE C 24 -3.90 32.46 13.82
C ILE C 24 -3.60 30.96 13.88
N VAL C 25 -3.00 30.50 14.99
CA VAL C 25 -2.71 29.06 15.29
C VAL C 25 -4.04 28.35 15.60
N LEU C 26 -4.47 27.44 14.72
CA LEU C 26 -5.81 26.77 14.77
C LEU C 26 -5.70 25.46 15.57
N GLY C 27 -4.56 24.76 15.48
CA GLY C 27 -4.31 23.49 16.18
C GLY C 27 -2.91 22.96 15.90
N GLN C 28 -2.58 21.79 16.48
CA GLN C 28 -1.26 21.13 16.33
C GLN C 28 -1.41 19.62 16.59
N GLU C 29 -1.16 18.80 15.57
CA GLU C 29 -1.16 17.31 15.64
C GLU C 29 0.29 16.81 15.66
N GLU C 30 0.50 15.59 16.20
CA GLU C 30 1.83 14.94 16.35
C GLU C 30 1.84 13.63 15.55
N TYR C 31 2.83 13.46 14.66
CA TYR C 31 3.18 12.19 13.99
C TYR C 31 4.39 11.57 14.71
N GLY C 32 4.22 10.39 15.29
CA GLY C 32 5.18 9.78 16.22
C GLY C 32 5.66 8.40 15.79
N GLU C 33 5.49 8.03 14.50
CA GLU C 33 5.91 6.71 13.95
C GLU C 33 7.44 6.57 13.98
N HIS C 34 8.17 7.65 13.66
CA HIS C 34 9.65 7.70 13.74
C HIS C 34 10.10 7.65 15.20
N HIS C 35 10.94 6.68 15.57
CA HIS C 35 11.51 6.50 16.94
C HIS C 35 13.01 6.84 16.91
N SER C 36 13.39 7.81 16.09
CA SER C 36 14.80 8.22 15.82
C SER C 36 14.82 9.59 15.16
N SER C 37 15.91 10.35 15.38
CA SER C 37 16.12 11.74 14.89
C SER C 37 15.74 11.85 13.41
N ILE C 38 14.98 12.88 13.03
CA ILE C 38 14.50 13.11 11.64
C ILE C 38 15.56 13.90 10.86
N MET C 39 15.97 13.39 9.71
CA MET C 39 16.88 14.10 8.75
C MET C 39 16.03 15.04 7.89
N HIS C 40 15.01 14.47 7.23
CA HIS C 40 14.13 15.17 6.27
C HIS C 40 12.66 14.87 6.59
N CYS C 41 11.85 15.93 6.69
CA CYS C 41 10.37 15.90 6.56
C CYS C 41 9.96 16.96 5.52
N ARG C 42 9.46 16.52 4.37
CA ARG C 42 9.02 17.41 3.26
C ARG C 42 7.56 17.08 2.90
N VAL C 43 6.79 18.12 2.56
CA VAL C 43 5.40 18.01 2.02
C VAL C 43 5.48 17.90 0.50
N ASP C 44 4.62 17.08 -0.11
CA ASP C 44 4.42 17.02 -1.58
C ASP C 44 3.86 18.37 -2.05
N CYS C 45 3.60 18.52 -3.36
CA CYS C 45 3.26 19.81 -4.01
C CYS C 45 1.73 19.98 -4.10
N SER C 46 0.96 19.00 -3.62
CA SER C 46 -0.51 19.09 -3.39
C SER C 46 -0.77 19.60 -1.96
N GLY C 47 0.26 19.57 -1.09
CA GLY C 47 0.20 20.08 0.30
C GLY C 47 -0.73 19.25 1.18
N ARG C 48 -0.79 17.93 0.95
CA ARG C 48 -1.71 16.99 1.64
C ARG C 48 -0.93 15.78 2.18
N ARG C 49 0.33 15.61 1.77
CA ARG C 49 1.15 14.38 2.02
C ARG C 49 2.59 14.78 2.42
N VAL C 50 3.16 14.06 3.38
CA VAL C 50 4.57 14.26 3.88
C VAL C 50 5.37 12.98 3.61
N ALA C 51 6.60 13.14 3.09
CA ALA C 51 7.70 12.15 3.12
C ALA C 51 8.64 12.53 4.26
N SER C 52 9.06 11.56 5.09
CA SER C 52 9.95 11.77 6.26
C SER C 52 10.96 10.63 6.36
N LEU C 53 12.24 10.99 6.54
CA LEU C 53 13.39 10.06 6.67
C LEU C 53 14.05 10.28 8.04
N ASP C 54 14.22 9.21 8.83
CA ASP C 54 14.96 9.26 10.13
C ASP C 54 16.35 8.63 9.94
N VAL C 55 17.22 8.79 10.95
CA VAL C 55 18.69 8.53 10.86
C VAL C 55 18.95 7.00 10.88
N ASP C 56 17.90 6.17 10.90
CA ASP C 56 17.99 4.69 10.90
C ASP C 56 17.64 4.14 9.50
N GLY C 57 17.30 5.01 8.55
CA GLY C 57 16.94 4.64 7.16
C GLY C 57 15.47 4.25 7.02
N VAL C 58 14.64 4.59 8.02
CA VAL C 58 13.15 4.40 7.98
C VAL C 58 12.54 5.60 7.24
N ILE C 59 12.06 5.37 6.02
CA ILE C 59 11.25 6.33 5.22
C ILE C 59 9.77 6.06 5.50
N LYS C 60 8.97 7.12 5.58
CA LYS C 60 7.50 7.07 5.76
C LYS C 60 6.84 8.15 4.90
N VAL C 61 5.68 7.82 4.32
CA VAL C 61 4.74 8.78 3.66
C VAL C 61 3.41 8.72 4.41
N TRP C 62 2.83 9.88 4.75
CA TRP C 62 1.61 10.00 5.60
C TRP C 62 0.84 11.27 5.27
N SER C 63 -0.50 11.17 5.22
CA SER C 63 -1.46 12.31 5.09
C SER C 63 -1.69 12.91 6.48
N PHE C 64 -2.36 14.07 6.55
CA PHE C 64 -2.67 14.80 7.81
C PHE C 64 -4.09 15.39 7.79
N ASN C 65 -4.60 15.82 6.61
CA ASN C 65 -5.93 16.49 6.47
C ASN C 65 -6.82 15.63 5.55
N PRO C 66 -8.05 15.27 6.01
CA PRO C 66 -8.55 15.62 7.34
C PRO C 66 -7.84 14.86 8.48
N ILE C 67 -7.44 13.60 8.23
CA ILE C 67 -6.98 12.63 9.27
C ILE C 67 -5.49 12.28 9.04
N MET C 68 -4.75 12.10 10.14
CA MET C 68 -3.36 11.56 10.16
C MET C 68 -3.39 10.04 9.97
N GLN C 69 -2.76 9.53 8.90
CA GLN C 69 -2.63 8.07 8.64
C GLN C 69 -1.43 7.82 7.71
N THR C 70 -0.83 6.64 7.85
CA THR C 70 0.43 6.22 7.18
C THR C 70 0.08 5.48 5.88
N LYS C 71 0.53 6.01 4.75
CA LYS C 71 0.29 5.43 3.39
C LYS C 71 1.33 4.35 3.12
N ALA C 72 2.58 4.58 3.54
CA ALA C 72 3.77 3.73 3.23
C ALA C 72 4.82 3.88 4.34
N SER C 73 5.53 2.78 4.64
CA SER C 73 6.64 2.71 5.63
C SER C 73 7.63 1.62 5.20
N SER C 74 8.93 1.87 5.38
CA SER C 74 10.04 1.01 4.89
C SER C 74 11.29 1.21 5.75
N ILE C 75 11.88 0.12 6.25
CA ILE C 75 13.24 0.07 6.89
C ILE C 75 14.27 -0.30 5.81
N SER C 76 14.87 0.71 5.18
CA SER C 76 15.83 0.56 4.05
C SER C 76 17.01 -0.33 4.47
N LYS C 77 17.43 -1.24 3.58
CA LYS C 77 18.59 -2.16 3.80
C LYS C 77 19.92 -1.36 3.70
N SER C 78 19.95 -0.32 2.85
CA SER C 78 21.10 0.61 2.71
C SER C 78 20.76 1.97 3.32
N PRO C 79 21.78 2.80 3.69
CA PRO C 79 21.52 4.14 4.24
C PRO C 79 21.00 5.12 3.20
N LEU C 80 19.92 5.84 3.52
CA LEU C 80 19.38 6.98 2.71
C LEU C 80 19.81 8.30 3.34
N LEU C 81 20.03 9.33 2.50
CA LEU C 81 20.65 10.63 2.92
C LEU C 81 19.75 11.82 2.52
N SER C 82 19.02 11.72 1.41
CA SER C 82 18.22 12.86 0.87
C SER C 82 16.89 12.38 0.30
N LEU C 83 16.06 13.34 -0.10
CA LEU C 83 14.58 13.22 -0.16
C LEU C 83 14.03 14.48 -0.83
N GLU C 84 13.30 14.31 -1.93
CA GLU C 84 12.73 15.42 -2.75
C GLU C 84 11.46 14.92 -3.46
N TRP C 85 10.42 15.76 -3.50
CA TRP C 85 9.12 15.48 -4.19
C TRP C 85 9.18 15.97 -5.65
N ALA C 86 8.45 15.30 -6.54
CA ALA C 86 8.14 15.79 -7.91
C ALA C 86 7.25 17.05 -7.81
N THR C 87 7.45 18.02 -8.70
CA THR C 87 6.80 19.36 -8.70
C THR C 87 5.47 19.30 -9.46
N LYS C 88 5.39 18.52 -10.55
CA LYS C 88 4.18 18.38 -11.40
C LYS C 88 3.44 17.06 -11.08
N ARG C 89 4.18 15.96 -10.93
CA ARG C 89 3.63 14.60 -10.65
C ARG C 89 3.72 14.32 -9.14
N ASP C 90 2.73 14.78 -8.37
CA ASP C 90 2.71 14.79 -6.88
C ASP C 90 3.26 13.47 -6.31
N ARG C 91 2.68 12.34 -6.72
CA ARG C 91 2.88 10.99 -6.09
C ARG C 91 4.34 10.55 -6.18
N LEU C 92 5.14 11.13 -7.10
CA LEU C 92 6.55 10.70 -7.35
C LEU C 92 7.48 11.31 -6.30
N LEU C 93 8.29 10.45 -5.66
CA LEU C 93 9.30 10.81 -4.63
C LEU C 93 10.69 10.31 -5.06
N LEU C 94 11.69 11.19 -5.05
CA LEU C 94 13.14 10.87 -5.25
C LEU C 94 13.77 10.63 -3.87
N LEU C 95 14.65 9.64 -3.79
CA LEU C 95 15.37 9.24 -2.54
C LEU C 95 16.86 9.05 -2.84
N GLY C 96 17.68 9.99 -2.38
CA GLY C 96 19.15 9.90 -2.46
C GLY C 96 19.71 9.04 -1.34
N SER C 97 20.56 8.06 -1.67
CA SER C 97 21.24 7.17 -0.70
C SER C 97 22.72 7.56 -0.61
N GLY C 98 23.45 6.92 0.31
CA GLY C 98 24.91 7.07 0.49
C GLY C 98 25.68 5.89 -0.09
N VAL C 99 25.12 5.25 -1.13
CA VAL C 99 25.80 4.21 -1.97
C VAL C 99 25.61 4.57 -3.46
N GLY C 100 25.56 5.87 -3.76
CA GLY C 100 25.49 6.42 -5.12
C GLY C 100 24.27 5.95 -5.88
N THR C 101 23.08 6.02 -5.26
CA THR C 101 21.78 5.63 -5.87
C THR C 101 20.70 6.70 -5.59
N VAL C 102 19.96 7.08 -6.63
CA VAL C 102 18.68 7.83 -6.52
C VAL C 102 17.54 6.85 -6.86
N ARG C 103 16.57 6.68 -5.96
CA ARG C 103 15.37 5.83 -6.13
C ARG C 103 14.17 6.70 -6.54
N LEU C 104 13.45 6.32 -7.60
CA LEU C 104 12.14 6.94 -7.98
C LEU C 104 11.02 6.07 -7.43
N TYR C 105 10.29 6.60 -6.42
CA TYR C 105 9.21 5.89 -5.67
C TYR C 105 7.85 6.54 -5.98
N ASP C 106 6.95 5.77 -6.60
CA ASP C 106 5.50 6.08 -6.72
C ASP C 106 4.85 5.78 -5.36
N THR C 107 4.39 6.81 -4.64
CA THR C 107 3.85 6.73 -3.25
C THR C 107 2.42 6.16 -3.29
N GLU C 108 1.65 6.43 -4.35
CA GLU C 108 0.27 5.91 -4.54
C GLU C 108 0.34 4.41 -4.88
N ALA C 109 1.09 4.05 -5.94
CA ALA C 109 1.25 2.65 -6.41
C ALA C 109 2.10 1.85 -5.41
N LYS C 110 2.95 2.53 -4.62
CA LYS C 110 3.87 1.94 -3.62
C LYS C 110 4.84 0.96 -4.31
N LYS C 111 5.55 1.42 -5.35
CA LYS C 111 6.57 0.61 -6.07
C LYS C 111 7.76 1.51 -6.46
N ASN C 112 8.99 0.98 -6.33
CA ASN C 112 10.24 1.65 -6.78
C ASN C 112 10.34 1.54 -8.31
N LEU C 113 10.04 2.63 -9.01
CA LEU C 113 9.95 2.70 -10.49
C LEU C 113 11.36 2.62 -11.09
N CYS C 114 12.28 3.41 -10.52
CA CYS C 114 13.65 3.52 -11.02
C CYS C 114 14.75 3.30 -10.01
N GLU C 115 15.91 2.84 -10.52
CA GLU C 115 17.14 2.76 -9.75
C GLU C 115 18.32 3.10 -10.68
N ILE C 116 18.93 4.28 -10.49
CA ILE C 116 20.08 4.76 -11.32
C ILE C 116 21.28 5.05 -10.42
N ASN C 117 22.50 4.83 -10.95
CA ASN C 117 23.78 4.84 -10.18
C ASN C 117 24.64 6.03 -10.61
N ILE C 118 25.85 6.15 -10.02
CA ILE C 118 26.88 7.18 -10.36
C ILE C 118 28.22 6.75 -9.73
N ASN C 119 29.34 6.97 -10.43
CA ASN C 119 30.72 6.64 -9.97
C ASN C 119 31.04 7.46 -8.72
N MET C 122 31.67 8.77 -5.82
CA MET C 122 31.13 9.83 -4.93
C MET C 122 29.74 9.42 -4.45
N PRO C 123 29.65 8.56 -3.40
CA PRO C 123 28.41 7.80 -3.13
C PRO C 123 27.28 8.57 -2.43
N ARG C 124 27.61 9.56 -1.59
CA ARG C 124 26.64 10.30 -0.75
C ARG C 124 25.85 11.29 -1.62
N ILE C 125 24.58 10.99 -1.90
CA ILE C 125 23.62 11.91 -2.60
C ILE C 125 23.00 12.85 -1.56
N LEU C 126 23.52 14.08 -1.47
CA LEU C 126 23.31 15.01 -0.33
C LEU C 126 22.10 15.93 -0.59
N SER C 127 21.85 16.29 -1.85
CA SER C 127 20.79 17.25 -2.26
C SER C 127 20.03 16.70 -3.48
N LEU C 128 18.74 17.01 -3.55
CA LEU C 128 17.84 16.73 -4.72
C LEU C 128 16.87 17.90 -4.88
N ALA C 129 16.80 18.47 -6.09
CA ALA C 129 15.93 19.62 -6.44
C ALA C 129 15.27 19.36 -7.79
N CYS C 130 13.95 19.19 -7.79
CA CYS C 130 13.10 19.04 -9.02
C CYS C 130 12.77 20.44 -9.58
N SER C 131 13.01 20.63 -10.88
CA SER C 131 12.72 21.90 -11.59
C SER C 131 11.21 22.14 -11.59
N PRO C 132 10.76 23.39 -11.31
CA PRO C 132 9.34 23.73 -11.29
C PRO C 132 8.52 23.12 -12.44
N ASN C 133 9.04 23.23 -13.68
CA ASN C 133 8.34 22.85 -14.95
C ASN C 133 8.24 21.30 -15.07
N GLY C 134 8.93 20.56 -14.19
CA GLY C 134 8.77 19.10 -14.02
C GLY C 134 9.66 18.30 -14.94
N ALA C 135 10.51 18.96 -15.74
CA ALA C 135 11.27 18.39 -16.88
C ALA C 135 12.60 17.76 -16.40
N SER C 136 13.13 18.21 -15.26
CA SER C 136 14.51 17.91 -14.81
C SER C 136 14.62 17.96 -13.28
N PHE C 137 15.60 17.25 -12.71
CA PHE C 137 15.99 17.34 -11.29
C PHE C 137 17.53 17.36 -11.19
N VAL C 138 18.04 18.08 -10.19
CA VAL C 138 19.50 18.19 -9.88
C VAL C 138 19.84 17.19 -8.78
N CYS C 139 21.09 16.69 -8.79
CA CYS C 139 21.62 15.71 -7.82
C CYS C 139 23.07 16.08 -7.47
N SER C 140 23.31 16.50 -6.23
CA SER C 140 24.67 16.66 -5.65
C SER C 140 25.13 15.29 -5.12
N ALA C 141 26.26 14.80 -5.64
CA ALA C 141 26.94 13.56 -5.21
C ALA C 141 28.31 13.91 -4.61
N ALA C 142 28.58 13.44 -3.39
CA ALA C 142 29.79 13.77 -2.59
C ALA C 142 30.59 12.50 -2.29
N ALA C 143 31.93 12.58 -2.40
CA ALA C 143 32.90 11.56 -1.95
C ALA C 143 32.60 11.19 -0.50
N PRO C 144 33.15 10.07 0.03
CA PRO C 144 33.05 9.78 1.47
C PRO C 144 33.64 10.92 2.30
N SER C 145 33.08 11.15 3.50
CA SER C 145 33.61 12.11 4.52
C SER C 145 34.84 11.51 5.19
N LEU C 146 36.02 12.11 4.99
CA LEU C 146 37.30 11.73 5.64
C LEU C 146 38.03 13.00 6.10
N VAL C 150 35.66 16.98 1.48
CA VAL C 150 35.95 16.11 0.31
C VAL C 150 35.28 16.71 -0.92
N PRO C 151 35.71 16.32 -2.15
CA PRO C 151 35.10 16.84 -3.38
C PRO C 151 33.65 16.38 -3.59
N GLY C 152 32.95 17.06 -4.50
CA GLY C 152 31.54 16.79 -4.86
C GLY C 152 31.31 16.91 -6.36
N ARG C 153 30.20 16.36 -6.85
CA ARG C 153 29.68 16.51 -8.24
C ARG C 153 28.31 17.20 -8.17
N LEU C 154 27.87 17.83 -9.26
CA LEU C 154 26.48 18.35 -9.44
C LEU C 154 25.95 17.92 -10.80
N LEU C 155 24.97 17.01 -10.81
CA LEU C 155 24.48 16.29 -12.02
C LEU C 155 23.04 16.70 -12.32
N LEU C 156 22.75 16.98 -13.59
CA LEU C 156 21.38 17.26 -14.11
C LEU C 156 20.85 16.00 -14.78
N TRP C 157 19.61 15.60 -14.46
CA TRP C 157 18.90 14.43 -15.05
C TRP C 157 17.62 14.90 -15.74
N ASP C 158 17.24 14.24 -16.84
CA ASP C 158 15.92 14.42 -17.52
C ASP C 158 14.91 13.44 -16.91
N THR C 159 13.71 13.91 -16.58
CA THR C 159 12.62 13.11 -15.96
C THR C 159 11.95 12.24 -17.03
N LYS C 160 11.78 12.77 -18.25
CA LYS C 160 11.09 12.11 -19.40
C LYS C 160 11.80 10.79 -19.75
N THR C 161 13.13 10.72 -19.60
CA THR C 161 13.98 9.54 -19.92
C THR C 161 14.64 8.97 -18.65
N MET C 162 14.79 9.78 -17.60
CA MET C 162 15.44 9.44 -16.30
C MET C 162 16.93 9.13 -16.53
N LYS C 163 17.57 9.83 -17.48
CA LYS C 163 19.00 9.69 -17.82
C LYS C 163 19.72 11.03 -17.60
N GLN C 164 21.02 10.98 -17.26
CA GLN C 164 21.91 12.16 -17.06
C GLN C 164 21.94 12.98 -18.35
N GLN C 165 21.52 14.26 -18.28
CA GLN C 165 21.50 15.22 -19.42
C GLN C 165 22.89 15.85 -19.58
N LEU C 166 23.44 16.40 -18.47
CA LEU C 166 24.78 17.05 -18.42
C LEU C 166 25.38 16.88 -17.01
N GLN C 167 26.54 17.50 -16.78
CA GLN C 167 27.11 17.75 -15.43
C GLN C 167 27.55 19.23 -15.35
N PHE C 168 27.41 19.83 -14.17
CA PHE C 168 27.77 21.25 -13.89
C PHE C 168 29.26 21.34 -13.54
N SER C 169 29.93 22.39 -14.04
CA SER C 169 31.38 22.70 -13.83
C SER C 169 31.52 23.83 -12.81
N PRO C 174 36.25 21.06 -7.40
CA PRO C 174 34.85 20.69 -7.15
C PRO C 174 34.62 20.31 -5.66
N ILE C 175 33.49 20.74 -5.09
CA ILE C 175 33.23 20.73 -3.61
C ILE C 175 31.83 20.15 -3.31
N ALA C 176 31.63 19.68 -2.08
CA ALA C 176 30.41 18.97 -1.60
C ALA C 176 29.22 19.94 -1.48
N ILE C 177 28.40 20.03 -2.52
CA ILE C 177 27.13 20.82 -2.53
C ILE C 177 26.13 20.13 -1.59
N ASN C 178 25.69 20.84 -0.53
CA ASN C 178 24.83 20.32 0.55
C ASN C 178 23.36 20.64 0.24
N CYS C 179 23.07 21.81 -0.33
CA CYS C 179 21.70 22.33 -0.56
C CYS C 179 21.56 22.83 -2.00
N THR C 180 20.36 22.65 -2.56
CA THR C 180 19.96 23.14 -3.91
C THR C 180 18.55 23.75 -3.80
N ALA C 181 18.26 24.78 -4.60
CA ALA C 181 16.96 25.48 -4.63
C ALA C 181 16.78 26.19 -5.97
N PHE C 182 15.67 25.91 -6.67
CA PHE C 182 15.24 26.60 -7.91
C PHE C 182 14.54 27.92 -7.57
N ASN C 183 14.36 28.77 -8.57
CA ASN C 183 13.47 29.96 -8.51
C ASN C 183 12.09 29.58 -9.08
N HIS C 184 11.17 30.55 -9.20
CA HIS C 184 9.75 30.33 -9.61
C HIS C 184 9.68 29.36 -10.80
N ASN C 185 10.31 29.72 -11.94
CA ASN C 185 10.12 29.03 -13.25
C ASN C 185 11.34 28.12 -13.55
N GLY C 186 12.43 28.25 -12.78
CA GLY C 186 13.53 27.27 -12.74
C GLY C 186 14.57 27.50 -13.84
N ASN C 187 14.69 28.74 -14.35
CA ASN C 187 15.81 29.16 -15.24
C ASN C 187 17.04 29.49 -14.37
N LEU C 188 16.83 29.74 -13.06
CA LEU C 188 17.91 29.99 -12.06
C LEU C 188 17.88 28.89 -10.98
N LEU C 189 19.07 28.52 -10.48
CA LEU C 189 19.27 27.50 -9.40
C LEU C 189 20.40 27.98 -8.49
N VAL C 190 20.13 28.13 -7.20
CA VAL C 190 21.14 28.55 -6.17
C VAL C 190 21.53 27.31 -5.35
N THR C 191 22.82 27.23 -4.98
CA THR C 191 23.44 26.06 -4.31
C THR C 191 24.40 26.55 -3.22
N GLY C 192 24.48 25.80 -2.12
CA GLY C 192 25.45 26.00 -1.02
C GLY C 192 26.27 24.76 -0.77
N ALA C 193 27.58 24.91 -0.61
CA ALA C 193 28.57 23.82 -0.43
C ALA C 193 29.11 23.83 1.00
N ALA C 194 29.85 22.79 1.36
CA ALA C 194 30.49 22.61 2.69
C ALA C 194 31.62 23.64 2.87
N ASP C 195 32.12 24.23 1.77
CA ASP C 195 33.27 25.18 1.75
C ASP C 195 32.77 26.64 1.82
N GLY C 196 31.49 26.86 2.16
CA GLY C 196 30.93 28.18 2.47
C GLY C 196 30.50 28.97 1.23
N VAL C 197 30.69 28.40 0.03
CA VAL C 197 30.53 29.13 -1.28
C VAL C 197 29.10 28.89 -1.82
N ILE C 198 28.43 29.98 -2.25
CA ILE C 198 27.13 29.92 -2.99
C ILE C 198 27.41 30.08 -4.50
N ARG C 199 26.88 29.17 -5.31
CA ARG C 199 26.94 29.21 -6.80
C ARG C 199 25.52 29.32 -7.35
N LEU C 200 25.22 30.44 -8.02
CA LEU C 200 24.00 30.63 -8.84
C LEU C 200 24.29 30.16 -10.27
N PHE C 201 23.52 29.17 -10.76
CA PHE C 201 23.66 28.57 -12.11
C PHE C 201 22.51 29.06 -13.00
N ASP C 202 22.86 29.60 -14.17
CA ASP C 202 21.92 29.85 -15.30
C ASP C 202 21.58 28.47 -15.93
N MET C 203 20.29 28.11 -15.95
CA MET C 203 19.82 26.75 -16.35
C MET C 203 19.65 26.68 -17.88
N GLN C 204 19.27 27.78 -18.53
CA GLN C 204 19.14 27.87 -20.01
C GLN C 204 20.51 27.58 -20.65
N GLN C 205 21.61 28.03 -20.01
CA GLN C 205 23.01 27.84 -20.48
C GLN C 205 23.67 26.65 -19.76
N HIS C 206 23.20 26.32 -18.54
CA HIS C 206 23.79 25.31 -17.62
C HIS C 206 25.21 25.74 -17.23
N GLU C 207 25.46 27.06 -17.15
CA GLU C 207 26.73 27.68 -16.70
C GLU C 207 26.54 28.21 -15.28
N CYS C 208 27.61 28.23 -14.48
CA CYS C 208 27.69 28.97 -13.19
C CYS C 208 27.90 30.48 -13.48
N ALA C 209 26.85 31.29 -13.28
CA ALA C 209 26.75 32.70 -13.73
C ALA C 209 27.31 33.64 -12.65
N MET C 210 27.63 33.11 -11.46
CA MET C 210 27.83 33.89 -10.21
C MET C 210 28.31 32.95 -9.10
N SER C 211 29.21 33.41 -8.23
CA SER C 211 29.60 32.73 -6.96
C SER C 211 30.29 33.72 -6.02
N TRP C 212 30.44 33.33 -4.75
CA TRP C 212 30.98 34.17 -3.64
C TRP C 212 31.03 33.34 -2.34
N ARG C 213 31.94 33.70 -1.42
CA ARG C 213 32.03 33.12 -0.05
C ARG C 213 30.91 33.70 0.81
N ALA C 214 29.97 32.86 1.26
CA ALA C 214 28.70 33.26 1.91
C ALA C 214 28.80 33.13 3.45
N HIS C 215 29.36 32.02 3.93
CA HIS C 215 29.48 31.68 5.37
C HIS C 215 30.89 31.15 5.65
N TYR C 216 31.37 31.31 6.89
CA TYR C 216 32.59 30.65 7.42
C TYR C 216 32.19 29.28 7.99
N GLY C 217 32.46 28.22 7.22
CA GLY C 217 31.98 26.84 7.49
C GLY C 217 30.87 26.45 6.52
N GLU C 218 30.18 25.34 6.80
CA GLU C 218 29.17 24.71 5.90
C GLU C 218 28.03 25.71 5.61
N VAL C 219 27.61 25.79 4.35
CA VAL C 219 26.29 26.35 3.93
C VAL C 219 25.24 25.22 4.09
N TYR C 220 24.21 25.45 4.89
CA TYR C 220 23.19 24.43 5.27
C TYR C 220 22.01 24.49 4.29
N SER C 221 21.30 25.63 4.24
CA SER C 221 20.10 25.87 3.39
C SER C 221 20.25 27.18 2.61
N VAL C 222 19.75 27.21 1.36
CA VAL C 222 19.69 28.40 0.46
C VAL C 222 18.23 28.57 -0.02
N GLU C 223 17.87 29.77 -0.49
CA GLU C 223 16.49 30.09 -0.96
C GLU C 223 16.50 31.39 -1.79
N PHE C 224 15.61 31.47 -2.78
CA PHE C 224 15.30 32.70 -3.57
C PHE C 224 14.21 33.51 -2.85
N SER C 225 14.17 34.82 -3.11
CA SER C 225 13.09 35.75 -2.67
C SER C 225 11.91 35.65 -3.65
N TYR C 226 10.79 36.30 -3.33
CA TYR C 226 9.53 36.29 -4.12
C TYR C 226 9.77 37.02 -5.44
N ASP C 227 10.36 38.23 -5.39
CA ASP C 227 10.58 39.12 -6.56
C ASP C 227 11.92 38.76 -7.25
N GLU C 228 12.72 37.86 -6.65
CA GLU C 228 13.95 37.26 -7.23
C GLU C 228 14.96 38.37 -7.59
N ASN C 229 15.17 39.32 -6.68
CA ASN C 229 16.28 40.32 -6.71
C ASN C 229 17.43 39.84 -5.82
N THR C 230 17.15 38.88 -4.92
CA THR C 230 18.06 38.48 -3.81
C THR C 230 17.89 36.98 -3.49
N VAL C 231 18.83 36.43 -2.71
CA VAL C 231 18.77 35.03 -2.17
C VAL C 231 19.12 35.07 -0.67
N TYR C 232 18.50 34.19 0.11
CA TYR C 232 18.69 34.04 1.58
C TYR C 232 19.50 32.76 1.85
N SER C 233 20.43 32.83 2.82
CA SER C 233 21.38 31.74 3.18
C SER C 233 21.45 31.58 4.70
N ILE C 234 21.75 30.37 5.17
CA ILE C 234 22.03 30.02 6.60
C ILE C 234 23.19 29.03 6.64
N GLY C 235 24.13 29.23 7.56
CA GLY C 235 25.45 28.57 7.56
C GLY C 235 25.84 28.02 8.93
N GLU C 236 27.07 27.53 9.04
CA GLU C 236 27.67 26.91 10.25
C GLU C 236 28.11 28.00 11.24
N ASP C 237 28.30 29.24 10.75
CA ASP C 237 28.74 30.41 11.54
C ASP C 237 27.52 31.09 12.21
N GLY C 238 26.34 30.47 12.12
CA GLY C 238 25.13 30.84 12.88
C GLY C 238 24.30 31.91 12.17
N LYS C 239 24.87 32.58 11.17
CA LYS C 239 24.29 33.80 10.53
C LYS C 239 23.18 33.40 9.56
N PHE C 240 22.11 34.21 9.50
CA PHE C 240 21.14 34.29 8.38
C PHE C 240 21.42 35.56 7.56
N ILE C 241 21.84 35.40 6.31
CA ILE C 241 22.36 36.51 5.45
C ILE C 241 21.54 36.58 4.16
N GLN C 242 21.35 37.80 3.63
CA GLN C 242 20.74 38.08 2.31
C GLN C 242 21.85 38.56 1.34
N TRP C 243 21.77 38.18 0.08
CA TRP C 243 22.77 38.48 -0.99
C TRP C 243 22.06 39.04 -2.23
N ASN C 244 22.48 40.22 -2.70
CA ASN C 244 21.97 40.87 -3.94
C ASN C 244 22.43 40.04 -5.15
N ILE C 245 21.49 39.60 -5.98
CA ILE C 245 21.72 38.62 -7.09
C ILE C 245 21.97 39.37 -8.41
N HIS C 246 21.69 40.69 -8.45
CA HIS C 246 21.95 41.57 -9.63
C HIS C 246 23.30 42.28 -9.49
N LYS C 247 24.10 41.91 -8.48
CA LYS C 247 25.49 42.43 -8.26
C LYS C 247 26.50 41.29 -8.45
N LYS C 251 26.06 42.04 0.23
CA LYS C 251 25.00 41.75 1.22
C LYS C 251 23.97 42.88 1.22
N VAL C 252 22.68 42.54 1.29
CA VAL C 252 21.55 43.48 1.49
C VAL C 252 21.22 43.55 3.00
N SER C 253 21.25 42.40 3.68
CA SER C 253 20.88 42.23 5.12
C SER C 253 21.82 41.20 5.78
N GLU C 254 21.62 40.96 7.08
CA GLU C 254 22.42 40.02 7.92
C GLU C 254 21.88 40.02 9.35
N TYR C 255 21.61 38.84 9.92
CA TYR C 255 21.20 38.63 11.33
C TYR C 255 21.91 37.40 11.89
N SER C 256 22.21 37.41 13.20
CA SER C 256 22.86 36.30 13.96
C SER C 256 21.82 35.56 14.80
N LEU C 257 21.29 34.45 14.29
CA LEU C 257 20.25 33.60 14.94
C LEU C 257 20.83 32.99 16.22
N PRO C 258 19.98 32.51 17.16
CA PRO C 258 20.44 31.76 18.33
C PRO C 258 21.25 30.50 17.95
N SER C 259 22.09 30.02 18.88
CA SER C 259 22.98 28.84 18.70
C SER C 259 22.18 27.54 18.94
N ASP C 260 21.00 27.42 18.34
CA ASP C 260 20.19 26.18 18.29
C ASP C 260 19.29 26.17 17.04
N ALA C 261 19.45 27.15 16.14
CA ALA C 261 18.77 27.23 14.83
C ALA C 261 19.62 26.50 13.78
N THR C 262 20.93 26.43 14.00
CA THR C 262 21.94 25.79 13.10
C THR C 262 22.55 24.55 13.78
N GLY C 263 22.45 24.44 15.10
CA GLY C 263 23.07 23.35 15.89
C GLY C 263 24.54 23.62 16.14
N PRO C 264 25.37 22.58 16.40
CA PRO C 264 24.91 21.19 16.42
C PRO C 264 23.85 20.92 17.49
N PHE C 265 23.06 19.86 17.31
CA PHE C 265 21.87 19.52 18.14
C PHE C 265 22.22 18.34 19.07
N VAL C 266 22.22 18.60 20.39
CA VAL C 266 22.50 17.60 21.47
C VAL C 266 21.18 17.27 22.19
N LEU C 267 21.00 16.02 22.62
CA LEU C 267 19.79 15.54 23.37
C LEU C 267 20.18 15.31 24.83
N GLN C 275 24.01 11.85 22.08
CA GLN C 275 23.48 11.92 20.69
C GLN C 275 23.71 13.33 20.14
N VAL C 276 24.74 13.51 19.30
CA VAL C 276 24.96 14.72 18.45
C VAL C 276 24.34 14.45 17.07
N GLN C 277 23.77 15.49 16.44
CA GLN C 277 23.16 15.42 15.07
C GLN C 277 23.54 16.69 14.30
N VAL C 278 24.36 16.55 13.25
CA VAL C 278 24.76 17.67 12.34
C VAL C 278 23.61 17.88 11.34
N PRO C 279 23.22 19.15 11.05
CA PRO C 279 22.20 19.43 10.04
C PRO C 279 22.38 18.64 8.74
N ARG C 280 21.28 18.06 8.23
CA ARG C 280 21.18 17.47 6.87
C ARG C 280 20.05 18.17 6.10
N GLY C 281 18.87 18.27 6.72
CA GLY C 281 17.64 18.81 6.10
C GLY C 281 17.50 20.31 6.32
N ARG C 282 16.53 20.92 5.62
CA ARG C 282 16.29 22.39 5.61
C ARG C 282 16.20 22.90 7.06
N LEU C 283 16.92 23.99 7.37
CA LEU C 283 16.93 24.63 8.71
C LEU C 283 16.11 25.92 8.69
N PHE C 284 15.46 26.24 7.55
CA PHE C 284 14.43 27.31 7.45
C PHE C 284 13.38 26.95 6.38
N ALA C 285 12.27 27.67 6.41
CA ALA C 285 11.11 27.55 5.48
C ALA C 285 10.28 28.84 5.55
N PHE C 286 9.45 29.10 4.53
CA PHE C 286 8.81 30.41 4.27
C PHE C 286 7.30 30.23 4.02
N ASP C 287 6.53 31.31 4.18
CA ASP C 287 5.07 31.36 3.86
C ASP C 287 4.90 31.49 2.34
N SER C 288 3.64 31.58 1.87
CA SER C 288 3.25 31.78 0.45
C SER C 288 3.99 32.99 -0.14
N GLU C 289 3.74 34.19 0.40
CA GLU C 289 4.18 35.50 -0.16
C GLU C 289 5.70 35.67 0.01
N GLY C 290 6.31 34.93 0.94
CA GLY C 290 7.75 35.00 1.27
C GLY C 290 8.06 36.22 2.15
N ASN C 291 7.21 36.50 3.13
CA ASN C 291 7.37 37.62 4.10
C ASN C 291 7.82 37.08 5.46
N TYR C 292 7.64 35.77 5.71
CA TYR C 292 7.87 35.11 7.02
C TYR C 292 8.73 33.85 6.82
N MET C 293 9.55 33.52 7.82
CA MET C 293 10.52 32.40 7.80
C MET C 293 10.39 31.57 9.09
N LEU C 294 10.07 30.29 8.95
CA LEU C 294 10.15 29.26 10.04
C LEU C 294 11.61 28.80 10.17
N THR C 295 12.14 28.80 11.40
CA THR C 295 13.50 28.29 11.75
C THR C 295 13.39 27.34 12.94
N CYS C 296 14.47 26.62 13.24
CA CYS C 296 14.58 25.62 14.33
C CYS C 296 14.87 26.31 15.67
N SER C 297 14.47 25.67 16.77
CA SER C 297 14.85 26.02 18.17
C SER C 297 14.71 24.76 19.04
N ALA C 298 15.40 24.73 20.19
CA ALA C 298 15.49 23.55 21.08
C ALA C 298 14.09 23.18 21.61
N THR C 299 13.24 24.18 21.86
CA THR C 299 11.89 24.04 22.47
C THR C 299 10.86 23.76 21.38
N GLY C 300 11.08 24.27 20.16
CA GLY C 300 10.17 24.11 19.00
C GLY C 300 10.54 25.03 17.86
N GLY C 301 9.63 25.22 16.90
CA GLY C 301 9.77 26.18 15.79
C GLY C 301 9.71 27.62 16.28
N VAL C 302 10.37 28.54 15.57
CA VAL C 302 10.37 30.01 15.84
C VAL C 302 10.24 30.75 14.50
N ILE C 303 9.17 31.54 14.33
CA ILE C 303 8.83 32.28 13.07
C ILE C 303 9.28 33.74 13.22
N TYR C 304 10.01 34.25 12.22
CA TYR C 304 10.48 35.67 12.12
C TYR C 304 9.65 36.40 11.05
N LYS C 305 9.65 37.74 11.09
CA LYS C 305 8.95 38.63 10.11
C LYS C 305 9.80 38.78 8.86
N LEU C 317 6.57 34.44 15.77
CA LEU C 317 5.78 33.67 16.79
C LEU C 317 6.53 32.38 17.15
N SER C 318 6.56 32.03 18.43
CA SER C 318 7.22 30.82 19.00
C SER C 318 6.22 29.65 18.99
N LEU C 319 6.50 28.62 18.20
CA LEU C 319 5.54 27.50 17.90
C LEU C 319 5.52 26.51 19.07
N GLY C 320 6.68 26.05 19.52
CA GLY C 320 6.85 25.22 20.74
C GLY C 320 6.16 23.86 20.62
N GLY C 321 6.19 23.07 21.70
CA GLY C 321 5.48 21.78 21.81
C GLY C 321 6.38 20.60 21.47
N HIS C 322 7.70 20.77 21.52
CA HIS C 322 8.72 19.69 21.40
C HIS C 322 9.39 19.47 22.76
N ARG C 323 9.72 18.21 23.08
CA ARG C 323 10.43 17.80 24.33
C ARG C 323 11.90 17.50 24.02
N ALA C 324 12.35 17.75 22.78
CA ALA C 324 13.74 17.55 22.31
C ALA C 324 14.02 18.47 21.11
N PRO C 325 15.29 18.88 20.89
CA PRO C 325 15.61 19.92 19.89
C PRO C 325 15.08 19.66 18.47
N VAL C 326 14.59 20.72 17.82
CA VAL C 326 14.13 20.72 16.40
C VAL C 326 15.37 20.82 15.48
N VAL C 327 15.44 19.95 14.47
CA VAL C 327 16.66 19.72 13.64
C VAL C 327 16.35 19.95 12.14
N THR C 328 15.07 19.93 11.75
CA THR C 328 14.59 20.25 10.37
C THR C 328 13.16 20.77 10.43
N VAL C 329 12.76 21.56 9.43
CA VAL C 329 11.44 22.25 9.37
C VAL C 329 10.91 22.22 7.92
N ASP C 330 9.61 22.50 7.75
CA ASP C 330 8.97 22.78 6.43
C ASP C 330 7.74 23.68 6.65
N TRP C 331 7.28 24.34 5.59
CA TRP C 331 6.10 25.25 5.56
C TRP C 331 5.45 25.19 4.18
N SER C 332 4.18 24.76 4.09
CA SER C 332 3.40 24.69 2.83
C SER C 332 2.05 25.43 2.98
N THR C 333 1.62 26.10 1.91
CA THR C 333 0.27 26.71 1.75
C THR C 333 -0.75 25.60 1.45
N GLY C 338 -1.63 27.87 5.96
CA GLY C 338 -0.26 27.41 6.24
C GLY C 338 -0.26 26.12 7.07
N THR C 339 0.55 25.15 6.66
CA THR C 339 0.91 23.93 7.45
C THR C 339 2.42 23.95 7.72
N CYS C 340 2.84 24.01 8.99
CA CYS C 340 4.25 24.15 9.43
C CYS C 340 4.74 22.86 10.10
N LEU C 341 5.66 22.14 9.43
CA LEU C 341 6.27 20.88 9.94
C LEU C 341 7.54 21.21 10.73
N THR C 342 7.61 20.75 11.99
CA THR C 342 8.78 20.87 12.91
C THR C 342 9.08 19.47 13.47
N ALA C 343 10.29 18.95 13.22
CA ALA C 343 10.73 17.58 13.57
C ALA C 343 11.94 17.64 14.51
N SER C 344 11.99 16.75 15.51
CA SER C 344 12.94 16.78 16.67
C SER C 344 13.85 15.54 16.65
N MET C 345 14.74 15.43 17.64
CA MET C 345 15.79 14.38 17.74
C MET C 345 15.24 13.10 18.37
N ASP C 346 14.03 13.16 18.96
CA ASP C 346 13.30 11.99 19.52
C ASP C 346 12.47 11.32 18.42
N GLY C 347 12.36 11.96 17.25
CA GLY C 347 11.67 11.42 16.06
C GLY C 347 10.25 11.93 15.92
N LYS C 348 9.76 12.70 16.90
CA LYS C 348 8.40 13.31 16.88
C LYS C 348 8.38 14.43 15.83
N ILE C 349 7.37 14.41 14.95
CA ILE C 349 7.06 15.49 13.98
C ILE C 349 5.78 16.20 14.45
N LYS C 350 5.92 17.44 14.91
CA LYS C 350 4.77 18.33 15.28
C LYS C 350 4.33 19.09 14.02
N LEU C 351 3.01 19.31 13.91
CA LEU C 351 2.34 19.82 12.69
C LEU C 351 1.34 20.93 13.09
N THR C 352 1.74 22.19 12.91
CA THR C 352 1.02 23.40 13.41
C THR C 352 0.32 24.09 12.24
N THR C 353 -1.02 24.17 12.29
CA THR C 353 -1.90 24.82 11.29
C THR C 353 -2.10 26.30 11.65
N LEU C 354 -1.98 27.20 10.67
CA LEU C 354 -2.03 28.68 10.84
C LEU C 354 -3.21 29.25 10.03
N LEU C 355 -3.26 30.58 9.88
CA LEU C 355 -4.26 31.31 9.04
C LEU C 355 -3.63 32.59 8.48
C8 ZI3 D . -19.27 -23.03 -32.72
C10 ZI3 D . -20.30 -21.13 -34.18
C13 ZI3 D . -21.90 -17.54 -34.56
C15 ZI3 D . -22.24 -15.05 -35.06
C17 ZI3 D . -21.99 -12.99 -33.77
C21 ZI3 D . -19.91 -14.16 -32.12
C22 ZI3 D . -20.51 -14.93 -33.14
C28 ZI3 D . -19.66 -20.09 -36.42
O7 ZI3 D . -19.49 -24.07 -32.11
N9 ZI3 D . -20.42 -22.26 -33.27
C11 ZI3 D . -21.06 -20.01 -33.87
C12 ZI3 D . -21.13 -18.83 -34.85
N14 ZI3 D . -21.54 -16.32 -35.26
C16 ZI3 D . -21.59 -14.33 -33.98
C18 ZI3 D . -21.42 -12.22 -32.73
C19 ZI3 D . -20.37 -12.82 -31.92
CL20 ZI3 D . -19.60 -11.81 -30.79
C23 ZI3 D . -22.34 -14.44 -36.38
O24 ZI3 D . -23.72 -14.17 -36.10
C25 ZI3 D . -23.68 -15.21 -35.10
O26 ZI3 D . -22.83 -17.49 -33.75
C27 ZI3 D . -20.39 -18.91 -36.08
C29 ZI3 D . -19.64 -21.23 -35.50
C30 ZI3 D . -21.88 -20.14 -32.57
C31 ZI3 D . -22.71 -21.45 -32.59
C32 ZI3 D . -21.80 -22.69 -32.96
C33 ZI3 D . -17.81 -22.63 -33.01
C34 ZI3 D . -17.12 -21.79 -31.94
C1 EDO E . -1.82 -14.37 10.75
O1 EDO E . -2.79 -14.82 9.87
C2 EDO E . -0.51 -14.08 10.10
O2 EDO E . 0.58 -14.18 11.02
C8 ZI3 F . -20.82 -15.16 32.75
C10 ZI3 F . -19.11 -16.60 34.05
C13 ZI3 F . -16.11 -19.11 34.34
C15 ZI3 F . -13.75 -20.10 34.71
C17 ZI3 F . -11.76 -20.46 33.30
C21 ZI3 F . -12.52 -18.29 31.53
C22 ZI3 F . -13.35 -18.62 32.61
C28 ZI3 F . -17.80 -16.17 36.20
O7 ZI3 F . -21.86 -15.13 32.08
N9 ZI3 F . -20.28 -16.47 33.19
C11 ZI3 F . -18.26 -17.66 33.74
C12 ZI3 F . -17.11 -18.01 34.66
N14 ZI3 F . -14.77 -19.06 34.94
C16 ZI3 F . -12.96 -19.73 33.53
C18 ZI3 F . -10.91 -20.12 32.23
C19 ZI3 F . -11.32 -19.07 31.31
CL20 ZI3 F . -10.23 -18.60 30.09
C23 ZI3 F . -13.09 -20.25 35.99
O24 ZI3 F . -13.21 -21.67 35.83
C25 ZI3 F . -14.29 -21.43 34.90
O26 ZI3 F . -16.40 -20.04 33.60
C27 ZI3 F . -16.88 -17.22 35.84
C29 ZI3 F . -18.96 -15.91 35.34
C30 ZI3 F . -18.67 -18.47 32.49
C31 ZI3 F . -20.15 -18.92 32.62
C32 ZI3 F . -21.07 -17.70 33.01
C33 ZI3 F . -20.01 -13.86 32.83
C34 ZI3 F . -19.19 -13.53 31.58
C8 ZI3 G . 11.97 3.60 -15.73
C10 ZI3 G . 10.59 5.58 -16.60
C13 ZI3 G . 9.02 8.99 -15.40
C15 ZI3 G . 8.30 11.46 -15.06
C17 ZI3 G . 8.37 12.96 -13.07
C21 ZI3 G . 10.89 11.81 -12.19
C22 ZI3 G . 10.26 11.30 -13.36
C28 ZI3 G . 11.11 7.43 -18.29
O7 ZI3 G . 11.99 2.54 -15.12
N9 ZI3 G . 10.67 4.20 -16.14
C11 ZI3 G . 9.93 6.48 -15.77
C12 ZI3 G . 9.88 7.97 -16.18
N14 ZI3 G . 9.11 10.41 -15.72
C16 ZI3 G . 8.96 11.89 -13.81
C18 ZI3 G . 8.97 13.46 -11.89
C19 ZI3 G . 10.28 12.90 -11.46
CL20 ZI3 G . 11.00 13.47 -9.99
C23 ZI3 G . 8.00 12.45 -16.09
O24 ZI3 G . 6.59 12.33 -15.79
C25 ZI3 G . 6.88 11.12 -15.06
O26 ZI3 G . 8.24 8.59 -14.52
C27 ZI3 G . 10.42 8.37 -17.45
C29 ZI3 G . 11.21 6.02 -17.88
C30 ZI3 G . 9.33 5.89 -14.45
C31 ZI3 G . 8.61 4.53 -14.70
C32 ZI3 G . 9.38 3.61 -15.72
C33 ZI3 G . 13.31 4.37 -15.92
C34 ZI3 G . 14.00 4.88 -14.65
#